data_6ST5
#
_entry.id   6ST5
#
_cell.length_a   78.365
_cell.length_b   128.408
_cell.length_c   141.220
_cell.angle_alpha   90.000
_cell.angle_beta   90.000
_cell.angle_gamma   90.000
#
_symmetry.space_group_name_H-M   'P 21 21 21'
#
loop_
_entity.id
_entity.type
_entity.pdbx_description
1 polymer LicM2
2 non-polymer 'ZINC ION'
3 non-polymer 'PHOSPHOAMINOPHOSPHONIC ACID-ADENYLATE ESTER'
4 non-polymer GLYCEROL
5 non-polymer 'MAGNESIUM ION'
6 water water
#
_entity_poly.entity_id   1
_entity_poly.type   'polypeptide(L)'
_entity_poly.pdbx_seq_one_letter_code
;(UNK)(UNK)(UNK)(UNK)(UNK)(UNK)(UNK)(UNK)(UNK)(UNK)(UNK)(UNK)(UNK)(UNK)(UNK)K
(MSE)PEWAACLSEI(MSE)KYNPKAVSELKHPLPH(MSE)SFVTFFVPFLLFAQER(MSE)SKAFSEFEKQEGGLSGII
DAAGYQDGI(MSE)SELHQCLDKLATRTLITELNVAREDGRLKGASPEERYVYFVEQYISDPEIYREFFELYPVLGRL
(MSE)AEKVLRVLEIHEEIIGRFLSDRSLIAKKFNIASPELVGFEGDLGDSHKNGQSVKVLVLNNGKLVYKPRSLSIDEH
YRELLNWLNGRG(MSE)KYSLRAAEVLDRGNYGWQEFVKHEGCSSEEELERFYFRQGGHLAILYGLRSVDFHNENIIASG
EHPILIDLETLFDNHVSIFAQNQNLHVTALELKHSVLSS(MSE)(MSE)LPVKFKHDEVLDFDLSGIGGKGGQQSKKAKG
YAVLNYGEDR(MSE)SLKETSLTTEEKLNAPKLNGRPVSAVFYTDFIVEGFKNAYAI(MSE)(MSE)KHKEELAGPSGFL
NLFKHDEVRHVFRPTHVYGKFLEASTHPDYLTAGDKREQLFDY(MSE)W(MSE)LAKQSEKANVFIPDEIVDLLLHDIPY
FTFYAGGASLLNSRGEESEGFYETSSIDLAKKKIQSFSEKDLNHQLRYISLS(MSE)ATLIENVWDHAESGLGQKETVAD
LGKEVKHIADDLLQKAIYSERGEGPFWISNNAGDEK(MSE)VFLSPLP(MSE)GLYDG(MSE)AGLAIFFAQAGKVLNEQ
VYTDTARS(MSE)IEEIQKEESYWVQNGNSHSAFFGTGSFIYLYSYLGSLWEDDSLLERALNLIPRVLDQPNQTQNPDFI
AGDSGLLTVLVNLYEIKQHPAVLDSIRQVLSRLNDRIGRLLDSIEQDAVSLTGFSHGLTGIAFSIAKAAKVIHDDSCKEL
VLKLVEEEDRYFQKDHLNWLDLRNDSHTLSPSYWCHGAPGILLGRAHIQAFIPELTTRTLKLQEALQSSLNLADCQNHSL
CHGLIGNLNILLDIKRLNRELHVPDDIFCIYKTKNRGWKTGLHSDVESLG(MSE)FVGTAGIAYGLLRLLDESVPSVLTL
DIPTG
;
_entity_poly.pdbx_strand_id   A
#
# COMPACT_ATOMS: atom_id res chain seq x y z
N UNK A 1 -44.90 -25.97 23.91
CA UNK A 1 -45.66 -24.72 24.00
C UNK A 1 -44.90 -23.71 24.84
N UNK A 2 -44.51 -24.13 26.05
CA UNK A 2 -43.78 -23.24 26.95
C UNK A 2 -42.45 -22.82 26.34
N UNK A 3 -41.72 -23.76 25.73
CA UNK A 3 -40.40 -23.45 25.18
C UNK A 3 -40.51 -22.51 23.98
N UNK A 4 -41.56 -22.67 23.16
CA UNK A 4 -41.72 -21.82 21.99
C UNK A 4 -41.66 -20.35 22.36
N UNK A 5 -42.37 -19.97 23.43
CA UNK A 5 -42.32 -18.58 23.89
C UNK A 5 -40.89 -18.14 24.16
N UNK A 6 -40.10 -18.99 24.82
CA UNK A 6 -38.71 -18.66 25.08
C UNK A 6 -37.91 -18.51 23.79
N UNK A 7 -38.24 -19.30 22.76
CA UNK A 7 -37.51 -19.24 21.51
C UNK A 7 -37.86 -17.97 20.73
N UNK A 8 -39.11 -17.52 20.80
CA UNK A 8 -39.57 -16.39 20.01
C UNK A 8 -38.90 -15.08 20.40
N UNK A 9 -38.03 -15.07 21.40
CA UNK A 9 -37.28 -13.86 21.72
C UNK A 9 -36.26 -13.50 20.66
N UNK A 10 -36.04 -14.36 19.66
CA UNK A 10 -35.11 -14.10 18.57
C UNK A 10 -35.78 -13.51 17.35
N UNK A 11 -37.11 -13.39 17.35
CA UNK A 11 -37.81 -12.83 16.20
C UNK A 11 -37.38 -11.38 15.96
N UNK A 12 -37.40 -10.97 14.70
CA UNK A 12 -36.83 -9.69 14.30
C UNK A 12 -37.86 -8.57 14.37
N UNK A 13 -37.37 -7.33 14.33
CA UNK A 13 -38.24 -6.17 14.34
C UNK A 13 -39.25 -6.24 13.20
N UNK A 14 -38.77 -6.47 11.98
CA UNK A 14 -39.67 -6.61 10.85
C UNK A 14 -40.73 -7.68 11.11
N UNK A 15 -40.35 -8.74 11.82
CA UNK A 15 -41.29 -9.81 12.16
C UNK A 15 -42.21 -9.38 13.29
N LYS A 16 -48.32 -18.94 12.67
CA LYS A 16 -47.52 -19.77 11.72
C LYS A 16 -46.06 -19.73 12.16
N PRO A 18 -42.16 -19.79 12.15
CA PRO A 18 -41.25 -19.64 11.04
C PRO A 18 -40.40 -20.90 10.92
N GLU A 19 -40.09 -21.31 9.69
CA GLU A 19 -39.39 -22.56 9.38
C GLU A 19 -38.17 -22.77 10.27
N TRP A 20 -37.39 -21.75 10.55
CA TRP A 20 -36.18 -21.92 11.39
C TRP A 20 -36.56 -22.40 12.78
N ALA A 21 -37.73 -22.02 13.29
CA ALA A 21 -38.15 -22.44 14.63
C ALA A 21 -38.61 -23.90 14.62
N ALA A 22 -39.40 -24.28 13.62
CA ALA A 22 -39.78 -25.68 13.47
C ALA A 22 -38.54 -26.56 13.32
N CYS A 23 -37.65 -26.19 12.38
CA CYS A 23 -36.42 -26.94 12.20
C CYS A 23 -35.65 -27.07 13.50
N LEU A 24 -35.55 -25.98 14.26
CA LEU A 24 -34.82 -26.02 15.53
C LEU A 24 -35.49 -26.99 16.51
N SER A 25 -36.82 -26.93 16.61
CA SER A 25 -37.54 -27.85 17.48
C SER A 25 -37.24 -29.30 17.10
N GLU A 26 -37.28 -29.61 15.81
CA GLU A 26 -36.94 -30.97 15.38
C GLU A 26 -35.51 -31.33 15.78
N ILE A 27 -34.58 -30.39 15.61
CA ILE A 27 -33.19 -30.65 15.96
C ILE A 27 -33.05 -30.97 17.44
N LYS A 29 -34.91 -32.60 19.35
CA LYS A 29 -35.40 -33.92 19.72
C LYS A 29 -34.45 -35.04 19.29
N TYR A 30 -33.25 -34.72 18.83
CA TYR A 30 -32.22 -35.72 18.56
C TYR A 30 -31.34 -35.90 19.79
N ASN A 31 -30.72 -37.08 19.87
CA ASN A 31 -29.89 -37.43 21.02
C ASN A 31 -28.49 -36.87 20.84
N PRO A 32 -28.15 -35.74 21.48
CA PRO A 32 -26.80 -35.16 21.30
C PRO A 32 -25.67 -36.14 21.60
N LYS A 33 -25.94 -37.16 22.41
CA LYS A 33 -24.94 -38.17 22.74
C LYS A 33 -24.75 -39.20 21.63
N ALA A 34 -25.45 -39.07 20.51
CA ALA A 34 -25.44 -40.08 19.45
C ALA A 34 -24.36 -39.76 18.40
N VAL A 35 -23.13 -39.61 18.88
CA VAL A 35 -22.00 -39.38 17.98
C VAL A 35 -21.82 -40.55 17.04
N SER A 36 -22.11 -41.77 17.50
CA SER A 36 -21.87 -42.96 16.69
C SER A 36 -22.81 -43.08 15.50
N GLU A 37 -23.88 -42.28 15.45
CA GLU A 37 -24.83 -42.32 14.34
C GLU A 37 -24.40 -41.46 13.16
N LEU A 38 -23.32 -40.69 13.30
CA LEU A 38 -22.82 -39.89 12.19
C LEU A 38 -22.21 -40.80 11.12
N LYS A 39 -22.71 -40.65 9.89
CA LYS A 39 -22.22 -41.43 8.76
C LYS A 39 -21.15 -40.72 7.95
N HIS A 40 -20.62 -39.61 8.47
CA HIS A 40 -19.66 -38.81 7.72
C HIS A 40 -18.62 -38.24 8.67
N PRO A 41 -17.38 -38.09 8.21
CA PRO A 41 -16.34 -37.50 9.07
C PRO A 41 -16.53 -36.01 9.25
N LEU A 42 -16.12 -35.53 10.43
CA LEU A 42 -16.20 -34.12 10.78
C LEU A 42 -14.81 -33.52 10.90
N PRO A 43 -14.64 -32.23 10.58
CA PRO A 43 -13.30 -31.62 10.69
C PRO A 43 -12.60 -31.89 12.02
N HIS A 44 -13.28 -31.63 13.13
CA HIS A 44 -12.72 -31.88 14.45
C HIS A 44 -13.84 -32.37 15.36
N SER A 46 -14.20 -31.22 18.75
CA SER A 46 -14.45 -30.31 19.86
C SER A 46 -15.94 -30.02 19.98
N PHE A 47 -16.49 -30.28 21.16
CA PHE A 47 -17.92 -30.09 21.43
C PHE A 47 -18.79 -30.91 20.47
N VAL A 48 -18.27 -32.05 20.01
CA VAL A 48 -18.96 -32.82 18.97
C VAL A 48 -20.41 -33.09 19.36
N THR A 49 -20.63 -33.48 20.62
CA THR A 49 -21.98 -33.84 21.05
C THR A 49 -22.94 -32.67 20.92
N PHE A 50 -22.44 -31.44 21.01
CA PHE A 50 -23.31 -30.28 20.86
C PHE A 50 -23.76 -30.09 19.42
N PHE A 51 -22.91 -30.41 18.45
CA PHE A 51 -23.28 -30.27 17.04
C PHE A 51 -24.03 -31.48 16.51
N VAL A 52 -23.91 -32.63 17.15
CA VAL A 52 -24.44 -33.90 16.67
C VAL A 52 -25.89 -33.76 16.20
N PRO A 53 -26.79 -33.14 16.99
CA PRO A 53 -28.19 -33.07 16.55
C PRO A 53 -28.39 -32.41 15.19
N PHE A 54 -27.89 -31.18 15.03
CA PHE A 54 -27.98 -30.49 13.74
C PHE A 54 -27.44 -31.38 12.63
N LEU A 55 -26.32 -32.05 12.89
CA LEU A 55 -25.67 -32.86 11.86
C LEU A 55 -26.51 -34.08 11.50
N LEU A 56 -27.22 -34.67 12.47
CA LEU A 56 -28.08 -35.81 12.17
C LEU A 56 -29.31 -35.37 11.37
N PHE A 57 -29.87 -34.21 11.72
CA PHE A 57 -30.96 -33.64 10.93
C PHE A 57 -30.53 -33.46 9.47
N ALA A 58 -29.47 -32.67 9.26
CA ALA A 58 -28.95 -32.48 7.90
C ALA A 58 -28.70 -33.80 7.21
N GLN A 59 -28.00 -34.72 7.89
CA GLN A 59 -27.73 -36.04 7.34
C GLN A 59 -28.99 -36.69 6.78
N GLU A 60 -30.01 -36.83 7.62
CA GLU A 60 -31.25 -37.45 7.17
C GLU A 60 -31.82 -36.73 5.95
N ARG A 61 -31.87 -35.40 6.00
CA ARG A 61 -32.50 -34.68 4.89
C ARG A 61 -31.74 -34.86 3.59
N SER A 63 -29.73 -37.53 2.75
CA SER A 63 -29.99 -38.88 2.28
C SER A 63 -31.34 -38.96 1.57
N LYS A 64 -32.34 -38.29 2.14
CA LYS A 64 -33.66 -38.25 1.52
C LYS A 64 -33.61 -37.56 0.16
N ALA A 65 -32.98 -36.39 0.11
CA ALA A 65 -32.89 -35.64 -1.14
C ALA A 65 -32.18 -36.45 -2.23
N PHE A 66 -31.06 -37.09 -1.87
CA PHE A 66 -30.37 -37.92 -2.86
C PHE A 66 -31.26 -39.07 -3.32
N SER A 67 -32.00 -39.69 -2.39
CA SER A 67 -32.93 -40.74 -2.79
C SER A 67 -33.92 -40.23 -3.84
N GLU A 68 -34.50 -39.05 -3.58
CA GLU A 68 -35.47 -38.50 -4.52
C GLU A 68 -34.82 -38.17 -5.86
N PHE A 69 -33.55 -37.71 -5.85
CA PHE A 69 -32.83 -37.54 -7.10
C PHE A 69 -32.66 -38.87 -7.82
N GLU A 70 -32.46 -39.94 -7.05
CA GLU A 70 -32.27 -41.26 -7.65
C GLU A 70 -33.53 -41.71 -8.37
N LYS A 71 -34.69 -41.56 -7.73
CA LYS A 71 -35.92 -41.92 -8.44
C LYS A 71 -36.21 -40.93 -9.57
N GLN A 72 -35.75 -39.69 -9.43
CA GLN A 72 -36.01 -38.68 -10.46
C GLN A 72 -35.26 -39.00 -11.74
N GLU A 73 -33.95 -39.22 -11.65
CA GLU A 73 -33.13 -39.52 -12.82
C GLU A 73 -33.04 -41.00 -13.13
N GLY A 74 -33.53 -41.87 -12.23
CA GLY A 74 -33.43 -43.29 -12.43
C GLY A 74 -32.00 -43.78 -12.34
N GLY A 75 -31.48 -43.89 -11.12
CA GLY A 75 -30.10 -44.32 -10.90
C GLY A 75 -29.09 -43.22 -11.14
N LEU A 76 -28.08 -43.14 -10.29
CA LEU A 76 -27.03 -42.13 -10.41
C LEU A 76 -25.65 -42.73 -10.18
N SER A 77 -25.49 -44.02 -10.45
CA SER A 77 -24.23 -44.69 -10.16
C SER A 77 -23.07 -44.00 -10.87
N GLY A 78 -23.23 -43.71 -12.17
CA GLY A 78 -22.17 -43.11 -12.94
C GLY A 78 -22.36 -41.63 -13.21
N ILE A 79 -23.04 -40.93 -12.29
CA ILE A 79 -23.33 -39.51 -12.47
C ILE A 79 -22.95 -38.74 -11.21
N ILE A 80 -23.38 -39.23 -10.06
CA ILE A 80 -23.10 -38.59 -8.78
C ILE A 80 -22.66 -39.65 -7.78
N ASP A 81 -21.57 -39.37 -7.05
CA ASP A 81 -21.11 -40.21 -5.96
C ASP A 81 -21.63 -39.59 -4.66
N ALA A 82 -22.75 -40.13 -4.17
CA ALA A 82 -23.44 -39.52 -3.04
C ALA A 82 -22.51 -39.37 -1.84
N ALA A 83 -21.79 -40.43 -1.49
CA ALA A 83 -21.02 -40.43 -0.25
C ALA A 83 -20.03 -39.27 -0.19
N GLY A 84 -19.27 -39.07 -1.27
CA GLY A 84 -18.26 -38.02 -1.26
C GLY A 84 -18.87 -36.64 -1.16
N TYR A 85 -19.87 -36.36 -1.98
CA TYR A 85 -20.52 -35.04 -1.95
C TYR A 85 -21.12 -34.77 -0.59
N GLN A 86 -21.76 -35.79 0.00
CA GLN A 86 -22.34 -35.62 1.33
C GLN A 86 -21.27 -35.37 2.38
N ASP A 87 -20.12 -36.03 2.26
CA ASP A 87 -18.98 -35.70 3.11
C ASP A 87 -18.65 -34.22 2.99
N GLY A 88 -18.59 -33.71 1.76
CA GLY A 88 -18.37 -32.30 1.56
C GLY A 88 -19.38 -31.44 2.29
N ILE A 89 -20.67 -31.69 2.06
CA ILE A 89 -21.71 -30.87 2.68
C ILE A 89 -21.58 -30.91 4.20
N SER A 91 -18.83 -31.42 6.02
CA SER A 91 -17.70 -30.58 6.43
C SER A 91 -18.09 -29.10 6.39
N GLU A 92 -18.73 -28.66 5.31
CA GLU A 92 -19.14 -27.26 5.20
C GLU A 92 -20.04 -26.87 6.36
N LEU A 93 -21.09 -27.67 6.59
CA LEU A 93 -22.04 -27.38 7.66
C LEU A 93 -21.33 -27.29 9.01
N HIS A 94 -20.63 -28.36 9.38
CA HIS A 94 -19.93 -28.37 10.68
C HIS A 94 -19.03 -27.16 10.83
N GLN A 95 -18.32 -26.78 9.75
CA GLN A 95 -17.49 -25.58 9.80
C GLN A 95 -18.33 -24.35 10.12
N CYS A 96 -19.45 -24.19 9.42
CA CYS A 96 -20.29 -23.01 9.62
C CYS A 96 -20.80 -22.94 11.05
N LEU A 97 -21.37 -24.04 11.55
CA LEU A 97 -21.88 -24.05 12.92
C LEU A 97 -20.76 -23.79 13.93
N ASP A 98 -19.57 -24.34 13.68
CA ASP A 98 -18.43 -24.06 14.54
C ASP A 98 -18.16 -22.56 14.60
N LYS A 99 -18.09 -21.92 13.43
CA LYS A 99 -17.92 -20.47 13.39
C LYS A 99 -19.01 -19.77 14.20
N LEU A 100 -20.25 -20.25 14.08
CA LEU A 100 -21.37 -19.56 14.72
C LEU A 100 -21.29 -19.65 16.24
N ALA A 101 -21.04 -20.84 16.77
CA ALA A 101 -21.26 -21.10 18.20
C ALA A 101 -19.99 -21.23 19.04
N THR A 102 -18.83 -21.45 18.43
CA THR A 102 -17.60 -21.70 19.19
C THR A 102 -17.47 -20.76 20.38
N ARG A 103 -17.55 -19.45 20.13
CA ARG A 103 -17.44 -18.46 21.20
C ARG A 103 -18.35 -18.82 22.38
N THR A 104 -19.64 -18.98 22.10
CA THR A 104 -20.60 -19.23 23.18
C THR A 104 -20.33 -20.56 23.87
N LEU A 105 -19.86 -21.57 23.13
CA LEU A 105 -19.45 -22.81 23.77
C LEU A 105 -18.36 -22.56 24.80
N ILE A 106 -17.27 -21.92 24.36
CA ILE A 106 -16.17 -21.63 25.28
C ILE A 106 -16.69 -20.88 26.50
N THR A 107 -17.49 -19.83 26.26
CA THR A 107 -18.03 -19.05 27.37
C THR A 107 -18.78 -19.93 28.36
N GLU A 108 -19.73 -20.72 27.87
CA GLU A 108 -20.50 -21.58 28.76
C GLU A 108 -19.59 -22.57 29.49
N LEU A 109 -18.49 -22.97 28.86
CA LEU A 109 -17.47 -23.73 29.58
C LEU A 109 -16.95 -22.93 30.76
N ASN A 110 -16.50 -21.70 30.51
CA ASN A 110 -16.01 -20.86 31.58
C ASN A 110 -17.03 -20.72 32.70
N VAL A 111 -18.31 -20.69 32.35
CA VAL A 111 -19.36 -20.70 33.38
C VAL A 111 -19.29 -21.99 34.17
N ALA A 112 -19.42 -23.13 33.48
CA ALA A 112 -19.50 -24.40 34.20
C ALA A 112 -18.29 -24.60 35.11
N ARG A 113 -17.09 -24.26 34.63
CA ARG A 113 -15.92 -24.25 35.49
C ARG A 113 -16.12 -23.31 36.68
N GLU A 114 -16.57 -22.08 36.40
CA GLU A 114 -16.81 -21.10 37.44
C GLU A 114 -17.70 -21.67 38.55
N ASP A 115 -18.86 -22.18 38.17
CA ASP A 115 -19.81 -22.77 39.11
C ASP A 115 -19.33 -24.10 39.65
N GLY A 116 -18.35 -24.73 39.01
CA GLY A 116 -17.96 -26.08 39.40
C GLY A 116 -19.11 -27.05 39.24
N ARG A 117 -19.85 -26.93 38.14
CA ARG A 117 -20.94 -27.84 37.85
C ARG A 117 -20.45 -29.13 37.23
N LEU A 118 -19.31 -29.05 36.54
CA LEU A 118 -18.70 -30.21 35.91
C LEU A 118 -17.64 -30.78 36.83
N LYS A 119 -17.55 -32.11 36.84
CA LYS A 119 -16.73 -32.85 37.81
C LYS A 119 -15.62 -33.57 37.06
N GLY A 120 -14.38 -33.28 37.42
CA GLY A 120 -13.24 -33.92 36.79
C GLY A 120 -11.97 -33.73 37.59
N ALA A 121 -11.07 -34.71 37.49
CA ALA A 121 -9.82 -34.63 38.24
C ALA A 121 -8.89 -33.56 37.68
N SER A 122 -8.86 -33.41 36.36
CA SER A 122 -7.98 -32.48 35.66
C SER A 122 -8.81 -31.64 34.70
N PRO A 123 -8.24 -30.57 34.14
CA PRO A 123 -9.05 -29.74 33.23
C PRO A 123 -9.51 -30.49 31.99
N GLU A 124 -8.71 -31.42 31.48
CA GLU A 124 -9.13 -32.20 30.32
C GLU A 124 -10.32 -33.09 30.67
N GLU A 125 -10.22 -33.84 31.77
CA GLU A 125 -11.32 -34.74 32.14
C GLU A 125 -12.57 -33.95 32.45
N ARG A 126 -12.39 -32.77 33.05
CA ARG A 126 -13.51 -31.88 33.30
C ARG A 126 -14.17 -31.47 31.98
N TYR A 127 -13.36 -31.03 31.01
CA TYR A 127 -13.87 -30.77 29.66
C TYR A 127 -14.66 -31.96 29.13
N VAL A 128 -14.12 -33.17 29.28
CA VAL A 128 -14.78 -34.36 28.77
C VAL A 128 -16.15 -34.53 29.44
N TYR A 129 -16.20 -34.39 30.76
CA TYR A 129 -17.50 -34.43 31.43
C TYR A 129 -18.45 -33.42 30.80
N PHE A 130 -17.93 -32.24 30.45
CA PHE A 130 -18.73 -31.23 29.78
C PHE A 130 -19.34 -31.78 28.49
N VAL A 131 -18.49 -32.27 27.58
CA VAL A 131 -18.98 -32.63 26.25
C VAL A 131 -19.88 -33.86 26.34
N GLU A 132 -19.44 -34.89 27.07
CA GLU A 132 -20.08 -36.18 27.04
C GLU A 132 -21.28 -36.29 27.96
N GLN A 133 -21.37 -35.47 29.02
CA GLN A 133 -22.48 -35.61 29.94
C GLN A 133 -23.12 -34.33 30.45
N TYR A 134 -22.66 -33.15 30.03
CA TYR A 134 -23.29 -31.92 30.51
C TYR A 134 -24.14 -31.21 29.46
N ILE A 135 -23.73 -31.18 28.20
CA ILE A 135 -24.60 -30.61 27.16
C ILE A 135 -25.53 -31.65 26.59
N SER A 136 -25.08 -32.90 26.47
CA SER A 136 -25.92 -33.95 25.92
C SER A 136 -27.06 -34.32 26.84
N ASP A 137 -27.12 -33.74 28.04
CA ASP A 137 -28.30 -33.84 28.87
C ASP A 137 -29.39 -32.97 28.24
N PRO A 138 -30.45 -33.55 27.66
CA PRO A 138 -31.40 -32.72 26.89
C PRO A 138 -31.82 -31.44 27.58
N GLU A 139 -32.16 -31.51 28.87
CA GLU A 139 -32.68 -30.33 29.56
C GLU A 139 -31.68 -29.20 29.55
N ILE A 140 -30.39 -29.50 29.68
CA ILE A 140 -29.37 -28.45 29.66
C ILE A 140 -29.16 -27.95 28.24
N TYR A 141 -29.42 -28.79 27.23
CA TYR A 141 -29.45 -28.32 25.86
C TYR A 141 -30.51 -27.23 25.70
N ARG A 142 -31.74 -27.54 26.09
CA ARG A 142 -32.82 -26.57 25.96
C ARG A 142 -32.59 -25.36 26.84
N GLU A 143 -31.93 -25.52 27.98
CA GLU A 143 -31.52 -24.34 28.76
C GLU A 143 -30.51 -23.51 27.98
N PHE A 144 -29.59 -24.17 27.29
CA PHE A 144 -28.56 -23.46 26.53
C PHE A 144 -29.20 -22.59 25.46
N PHE A 145 -30.13 -23.14 24.69
CA PHE A 145 -30.73 -22.35 23.62
C PHE A 145 -31.79 -21.38 24.15
N GLU A 146 -32.51 -21.75 25.20
CA GLU A 146 -33.35 -20.78 25.90
C GLU A 146 -32.52 -19.60 26.35
N LEU A 147 -31.23 -19.81 26.61
CA LEU A 147 -30.33 -18.74 26.96
C LEU A 147 -29.82 -18.00 25.73
N TYR A 148 -29.65 -18.70 24.61
CA TYR A 148 -29.16 -18.10 23.35
C TYR A 148 -30.06 -18.57 22.22
N PRO A 149 -31.29 -18.05 22.15
CA PRO A 149 -32.19 -18.50 21.07
C PRO A 149 -31.77 -18.01 19.69
N VAL A 150 -31.12 -16.85 19.61
CA VAL A 150 -30.68 -16.35 18.31
C VAL A 150 -29.59 -17.23 17.73
N LEU A 151 -28.76 -17.84 18.59
CA LEU A 151 -27.78 -18.81 18.10
C LEU A 151 -28.49 -19.98 17.45
N GLY A 152 -29.50 -20.54 18.12
CA GLY A 152 -30.30 -21.58 17.51
C GLY A 152 -30.91 -21.14 16.19
N ARG A 153 -31.35 -19.88 16.12
CA ARG A 153 -31.90 -19.35 14.88
C ARG A 153 -30.87 -19.41 13.76
N LEU A 154 -29.70 -18.79 13.98
CA LEU A 154 -28.66 -18.79 12.96
C LEU A 154 -28.27 -20.20 12.55
N ALA A 156 -29.90 -23.13 12.79
CA ALA A 156 -30.94 -23.82 12.04
C ALA A 156 -31.07 -23.25 10.62
N GLU A 157 -31.11 -21.92 10.52
CA GLU A 157 -31.22 -21.29 9.21
C GLU A 157 -30.06 -21.70 8.30
N LYS A 158 -28.86 -21.82 8.87
CA LYS A 158 -27.71 -22.23 8.08
C LYS A 158 -27.81 -23.69 7.66
N VAL A 159 -28.35 -24.55 8.53
CA VAL A 159 -28.62 -25.93 8.14
C VAL A 159 -29.53 -25.96 6.92
N LEU A 160 -30.73 -25.40 7.07
CA LEU A 160 -31.71 -25.42 5.99
C LEU A 160 -31.15 -24.82 4.72
N ARG A 161 -30.35 -23.76 4.85
CA ARG A 161 -29.87 -23.06 3.66
C ARG A 161 -28.72 -23.79 2.98
N VAL A 162 -27.87 -24.47 3.75
CA VAL A 162 -26.86 -25.33 3.15
C VAL A 162 -27.53 -26.46 2.39
N LEU A 163 -28.47 -27.15 3.04
CA LEU A 163 -29.17 -28.25 2.37
C LEU A 163 -29.84 -27.75 1.09
N GLU A 164 -30.62 -26.67 1.18
CA GLU A 164 -31.33 -26.15 0.02
C GLU A 164 -30.35 -25.75 -1.09
N ILE A 165 -29.27 -25.06 -0.72
CA ILE A 165 -28.28 -24.62 -1.69
C ILE A 165 -27.71 -25.81 -2.46
N HIS A 166 -27.32 -26.86 -1.73
CA HIS A 166 -26.67 -27.99 -2.38
C HIS A 166 -27.65 -28.85 -3.18
N GLU A 167 -28.91 -28.93 -2.74
CA GLU A 167 -29.93 -29.51 -3.61
C GLU A 167 -30.00 -28.76 -4.92
N GLU A 168 -30.02 -27.42 -4.85
CA GLU A 168 -30.06 -26.61 -6.06
C GLU A 168 -28.86 -26.89 -6.95
N ILE A 169 -27.66 -26.92 -6.35
CA ILE A 169 -26.44 -27.21 -7.12
C ILE A 169 -26.56 -28.56 -7.82
N ILE A 170 -26.87 -29.61 -7.06
CA ILE A 170 -26.99 -30.94 -7.65
C ILE A 170 -27.94 -30.90 -8.84
N GLY A 171 -29.13 -30.33 -8.65
CA GLY A 171 -30.08 -30.25 -9.75
C GLY A 171 -29.50 -29.57 -10.97
N ARG A 172 -28.84 -28.42 -10.76
CA ARG A 172 -28.26 -27.68 -11.87
C ARG A 172 -27.17 -28.48 -12.57
N PHE A 173 -26.42 -29.30 -11.84
CA PHE A 173 -25.40 -30.13 -12.46
C PHE A 173 -26.04 -31.25 -13.28
N LEU A 174 -27.14 -31.82 -12.78
CA LEU A 174 -27.81 -32.88 -13.53
C LEU A 174 -28.48 -32.34 -14.78
N SER A 175 -28.96 -31.10 -14.75
CA SER A 175 -29.61 -30.52 -15.92
C SER A 175 -28.60 -30.00 -16.94
N ASP A 176 -27.41 -29.61 -16.49
CA ASP A 176 -26.39 -29.05 -17.37
C ASP A 176 -25.28 -30.05 -17.68
N ARG A 177 -25.52 -31.34 -17.45
CA ARG A 177 -24.43 -32.31 -17.51
C ARG A 177 -23.86 -32.43 -18.93
N SER A 178 -24.74 -32.57 -19.93
CA SER A 178 -24.27 -32.69 -21.31
C SER A 178 -23.68 -31.39 -21.82
N LEU A 179 -24.25 -30.24 -21.41
CA LEU A 179 -23.65 -28.96 -21.76
C LEU A 179 -22.23 -28.86 -21.21
N ILE A 180 -22.07 -29.18 -19.93
CA ILE A 180 -20.73 -29.23 -19.33
C ILE A 180 -19.82 -30.15 -20.15
N ALA A 181 -20.35 -31.32 -20.52
CA ALA A 181 -19.53 -32.29 -21.24
C ALA A 181 -19.04 -31.72 -22.57
N LYS A 182 -19.90 -31.01 -23.29
CA LYS A 182 -19.49 -30.46 -24.58
C LYS A 182 -18.60 -29.23 -24.40
N LYS A 183 -19.14 -28.16 -23.80
CA LYS A 183 -18.40 -26.92 -23.63
C LYS A 183 -17.00 -27.18 -23.10
N PHE A 184 -16.89 -27.79 -21.93
CA PHE A 184 -15.60 -28.02 -21.30
C PHE A 184 -14.91 -29.28 -21.81
N ASN A 185 -15.51 -30.00 -22.76
CA ASN A 185 -14.89 -31.15 -23.39
C ASN A 185 -14.52 -32.22 -22.36
N ILE A 186 -15.54 -32.67 -21.64
CA ILE A 186 -15.42 -33.74 -20.66
C ILE A 186 -16.35 -34.87 -21.07
N ALA A 187 -15.87 -36.10 -20.93
CA ALA A 187 -16.66 -37.28 -21.27
C ALA A 187 -17.31 -37.83 -20.01
N SER A 188 -18.65 -37.87 -19.99
CA SER A 188 -19.41 -38.44 -18.90
C SER A 188 -18.95 -37.87 -17.56
N PRO A 189 -19.32 -36.64 -17.24
CA PRO A 189 -18.88 -36.06 -15.96
C PRO A 189 -19.51 -36.76 -14.78
N GLU A 190 -18.68 -37.14 -13.81
CA GLU A 190 -19.12 -37.72 -12.56
C GLU A 190 -18.80 -36.75 -11.43
N LEU A 191 -19.84 -36.25 -10.76
CA LEU A 191 -19.65 -35.39 -9.60
C LEU A 191 -19.37 -36.27 -8.39
N VAL A 192 -18.20 -36.08 -7.78
CA VAL A 192 -17.76 -36.93 -6.68
C VAL A 192 -17.46 -36.14 -5.40
N GLY A 193 -17.31 -34.83 -5.47
CA GLY A 193 -17.10 -34.05 -4.26
C GLY A 193 -17.06 -32.58 -4.57
N PHE A 194 -16.51 -31.81 -3.63
CA PHE A 194 -16.32 -30.38 -3.85
C PHE A 194 -15.48 -29.82 -2.72
N GLU A 195 -15.04 -28.58 -2.91
CA GLU A 195 -14.32 -27.82 -1.90
C GLU A 195 -15.01 -26.46 -1.79
N GLY A 196 -15.46 -26.13 -0.59
CA GLY A 196 -16.24 -24.92 -0.38
C GLY A 196 -15.78 -24.10 0.81
N ASP A 197 -14.70 -24.53 1.46
CA ASP A 197 -14.14 -23.76 2.57
C ASP A 197 -13.87 -22.32 2.13
N LEU A 198 -13.33 -22.14 0.94
CA LEU A 198 -13.02 -20.81 0.43
C LEU A 198 -14.28 -20.13 -0.07
N GLY A 199 -14.39 -18.84 0.24
CA GLY A 199 -15.59 -18.08 -0.10
C GLY A 199 -16.27 -17.47 1.11
N ASP A 200 -16.99 -16.38 0.89
CA ASP A 200 -17.81 -15.75 1.94
C ASP A 200 -19.24 -15.61 1.42
N SER A 201 -20.19 -15.83 2.31
CA SER A 201 -21.58 -15.97 1.90
C SER A 201 -22.12 -14.67 1.30
N HIS A 202 -22.89 -14.81 0.22
CA HIS A 202 -23.66 -13.73 -0.37
C HIS A 202 -25.01 -14.29 -0.79
N LYS A 203 -26.02 -13.42 -0.84
CA LYS A 203 -27.34 -13.78 -1.32
C LYS A 203 -27.87 -15.02 -0.59
N ASN A 204 -27.98 -14.90 0.73
CA ASN A 204 -28.50 -15.97 1.58
C ASN A 204 -27.62 -17.22 1.48
N GLY A 205 -26.41 -17.07 2.00
CA GLY A 205 -25.51 -18.21 2.16
C GLY A 205 -24.94 -18.78 0.88
N GLN A 206 -25.01 -18.06 -0.23
CA GLN A 206 -24.50 -18.54 -1.50
C GLN A 206 -23.04 -18.12 -1.68
N SER A 207 -22.22 -19.05 -2.13
CA SER A 207 -20.80 -18.79 -2.34
C SER A 207 -20.27 -19.70 -3.45
N VAL A 208 -19.04 -19.40 -3.89
CA VAL A 208 -18.43 -20.16 -4.97
C VAL A 208 -17.97 -21.51 -4.44
N LYS A 209 -17.95 -22.51 -5.34
CA LYS A 209 -17.57 -23.85 -4.95
C LYS A 209 -16.73 -24.50 -6.04
N VAL A 210 -15.76 -25.31 -5.64
CA VAL A 210 -14.89 -26.02 -6.58
C VAL A 210 -15.36 -27.47 -6.62
N LEU A 211 -16.19 -27.80 -7.60
CA LEU A 211 -16.70 -29.16 -7.73
C LEU A 211 -15.59 -30.11 -8.16
N VAL A 212 -15.50 -31.23 -7.47
CA VAL A 212 -14.53 -32.29 -7.77
C VAL A 212 -15.24 -33.37 -8.57
N LEU A 213 -14.77 -33.59 -9.80
CA LEU A 213 -15.26 -34.65 -10.66
C LEU A 213 -14.28 -35.83 -10.62
N ASN A 214 -14.61 -36.87 -11.39
CA ASN A 214 -13.77 -38.06 -11.42
C ASN A 214 -12.47 -37.82 -12.18
N ASN A 215 -12.55 -37.11 -13.30
CA ASN A 215 -11.40 -36.88 -14.17
C ASN A 215 -11.03 -35.40 -14.25
N GLY A 216 -11.23 -34.66 -13.16
CA GLY A 216 -10.85 -33.27 -13.11
C GLY A 216 -11.75 -32.50 -12.16
N LYS A 217 -11.73 -31.17 -12.34
CA LYS A 217 -12.49 -30.25 -11.51
C LYS A 217 -13.34 -29.34 -12.37
N LEU A 218 -14.23 -28.59 -11.72
CA LEU A 218 -15.09 -27.63 -12.42
C LEU A 218 -15.69 -26.69 -11.39
N VAL A 219 -15.60 -25.39 -11.64
CA VAL A 219 -15.99 -24.38 -10.66
C VAL A 219 -17.45 -24.00 -10.87
N TYR A 220 -18.22 -24.01 -9.79
CA TYR A 220 -19.59 -23.50 -9.77
C TYR A 220 -19.58 -22.12 -9.13
N LYS A 221 -20.21 -21.15 -9.82
CA LYS A 221 -20.32 -19.79 -9.33
C LYS A 221 -21.79 -19.38 -9.29
N PRO A 222 -22.33 -18.98 -8.13
CA PRO A 222 -23.72 -18.50 -8.06
C PRO A 222 -23.86 -17.04 -8.49
N ARG A 223 -23.40 -16.76 -9.71
CA ARG A 223 -23.50 -15.44 -10.31
C ARG A 223 -23.88 -15.63 -11.77
N SER A 224 -24.20 -14.51 -12.42
CA SER A 224 -24.24 -14.49 -13.87
C SER A 224 -22.82 -14.35 -14.39
N LEU A 225 -22.43 -15.22 -15.31
CA LEU A 225 -21.12 -15.16 -15.93
C LEU A 225 -21.16 -14.53 -17.31
N SER A 226 -22.19 -13.72 -17.58
CA SER A 226 -22.27 -13.02 -18.86
C SER A 226 -21.07 -12.09 -19.05
N ILE A 227 -20.68 -11.37 -18.00
CA ILE A 227 -19.55 -10.45 -18.10
C ILE A 227 -18.24 -11.23 -18.32
N ASP A 228 -18.15 -12.45 -17.79
CA ASP A 228 -16.95 -13.24 -18.00
C ASP A 228 -16.84 -13.70 -19.45
N GLU A 229 -17.91 -14.26 -20.00
CA GLU A 229 -17.95 -14.59 -21.41
C GLU A 229 -17.59 -13.37 -22.27
N HIS A 230 -18.26 -12.25 -22.01
CA HIS A 230 -18.05 -11.07 -22.82
C HIS A 230 -16.61 -10.58 -22.72
N TYR A 231 -16.03 -10.67 -21.53
CA TYR A 231 -14.61 -10.34 -21.39
C TYR A 231 -13.75 -11.26 -22.24
N ARG A 232 -14.11 -12.55 -22.31
CA ARG A 232 -13.45 -13.43 -23.27
C ARG A 232 -13.55 -12.86 -24.68
N GLU A 233 -14.74 -12.38 -25.06
CA GLU A 233 -14.90 -11.84 -26.41
C GLU A 233 -14.03 -10.61 -26.63
N LEU A 234 -13.93 -9.74 -25.62
CA LEU A 234 -13.07 -8.56 -25.73
C LEU A 234 -11.61 -8.97 -25.86
N LEU A 235 -11.17 -9.94 -25.07
CA LEU A 235 -9.80 -10.44 -25.21
C LEU A 235 -9.55 -10.98 -26.61
N ASN A 236 -10.55 -11.65 -27.19
CA ASN A 236 -10.39 -12.13 -28.56
C ASN A 236 -10.33 -10.97 -29.55
N TRP A 237 -11.08 -9.90 -29.27
CA TRP A 237 -11.03 -8.68 -30.08
C TRP A 237 -9.60 -8.11 -30.09
N LEU A 238 -9.08 -7.83 -28.90
CA LEU A 238 -7.72 -7.31 -28.77
C LEU A 238 -6.72 -8.23 -29.46
N ASN A 239 -6.69 -9.51 -29.05
CA ASN A 239 -5.76 -10.45 -29.66
C ASN A 239 -5.86 -10.43 -31.17
N GLY A 240 -7.07 -10.27 -31.70
CA GLY A 240 -7.27 -10.22 -33.13
C GLY A 240 -6.76 -8.95 -33.78
N ARG A 241 -6.67 -7.86 -33.01
CA ARG A 241 -6.18 -6.59 -33.54
C ARG A 241 -4.72 -6.33 -33.18
N GLY A 242 -3.93 -7.37 -32.97
CA GLY A 242 -2.48 -7.23 -32.96
C GLY A 242 -1.80 -7.31 -31.62
N LYS A 244 0.74 -8.80 -29.32
CA LYS A 244 1.93 -9.57 -29.61
C LYS A 244 1.88 -10.94 -28.96
N TYR A 245 1.45 -11.01 -27.71
CA TYR A 245 1.24 -12.26 -27.00
C TYR A 245 -0.22 -12.37 -26.63
N SER A 246 -0.88 -13.41 -27.14
CA SER A 246 -2.32 -13.55 -26.94
C SER A 246 -2.67 -13.59 -25.46
N LEU A 247 -3.72 -12.86 -25.09
CA LEU A 247 -4.29 -12.91 -23.75
C LEU A 247 -5.28 -14.07 -23.67
N ARG A 248 -5.34 -14.71 -22.52
CA ARG A 248 -6.20 -15.86 -22.31
C ARG A 248 -7.18 -15.62 -21.17
N ALA A 249 -8.29 -16.36 -21.23
CA ALA A 249 -9.26 -16.38 -20.15
C ALA A 249 -9.77 -17.81 -19.98
N ALA A 250 -10.20 -18.13 -18.77
CA ALA A 250 -10.72 -19.47 -18.51
C ALA A 250 -12.04 -19.67 -19.24
N GLU A 251 -12.23 -20.89 -19.77
CA GLU A 251 -13.50 -21.22 -20.41
C GLU A 251 -14.63 -21.07 -19.41
N VAL A 252 -15.79 -20.65 -19.90
CA VAL A 252 -16.90 -20.27 -19.02
C VAL A 252 -18.21 -20.59 -19.71
N LEU A 253 -19.23 -20.90 -18.91
CA LEU A 253 -20.57 -21.18 -19.38
C LEU A 253 -21.55 -20.45 -18.47
N ASP A 254 -22.16 -19.39 -18.98
CA ASP A 254 -23.17 -18.66 -18.24
C ASP A 254 -24.50 -19.41 -18.29
N ARG A 255 -25.23 -19.37 -17.18
CA ARG A 255 -26.49 -20.11 -17.06
C ARG A 255 -27.59 -19.25 -16.44
N GLY A 256 -27.44 -17.94 -16.45
CA GLY A 256 -28.40 -17.06 -15.82
C GLY A 256 -27.93 -16.56 -14.47
N ASN A 257 -28.50 -17.11 -13.40
CA ASN A 257 -28.13 -16.71 -12.05
C ASN A 257 -26.89 -17.46 -11.55
N TYR A 258 -26.43 -18.47 -12.27
CA TYR A 258 -25.24 -19.22 -11.92
C TYR A 258 -24.46 -19.51 -13.20
N GLY A 259 -23.29 -20.11 -13.05
CA GLY A 259 -22.49 -20.47 -14.20
C GLY A 259 -21.33 -21.36 -13.81
N TRP A 260 -20.86 -22.12 -14.79
CA TRP A 260 -19.73 -23.01 -14.62
C TRP A 260 -18.48 -22.37 -15.23
N GLN A 261 -17.34 -22.61 -14.60
CA GLN A 261 -16.09 -22.06 -15.09
C GLN A 261 -15.01 -23.13 -15.02
N GLU A 262 -14.17 -23.17 -16.05
CA GLU A 262 -13.00 -24.04 -16.05
C GLU A 262 -12.19 -23.81 -14.78
N PHE A 263 -11.58 -24.87 -14.28
CA PHE A 263 -10.68 -24.77 -13.14
C PHE A 263 -9.28 -24.44 -13.62
N VAL A 264 -8.57 -23.63 -12.85
CA VAL A 264 -7.27 -23.10 -13.24
C VAL A 264 -6.27 -23.46 -12.14
N LYS A 265 -5.40 -24.42 -12.43
CA LYS A 265 -4.34 -24.78 -11.51
C LYS A 265 -3.25 -23.73 -11.54
N HIS A 266 -2.69 -23.42 -10.37
CA HIS A 266 -1.58 -22.47 -10.24
C HIS A 266 -0.30 -23.19 -10.65
N GLU A 267 -0.06 -23.22 -11.96
CA GLU A 267 1.19 -23.74 -12.50
C GLU A 267 2.28 -22.67 -12.40
N GLY A 268 3.52 -23.14 -12.31
CA GLY A 268 4.68 -22.27 -12.35
C GLY A 268 5.29 -22.22 -13.73
N CYS A 269 6.36 -21.43 -13.84
CA CYS A 269 7.13 -21.32 -15.06
C CYS A 269 8.46 -22.03 -14.90
N SER A 270 8.98 -22.55 -16.01
CA SER A 270 10.24 -23.28 -16.03
C SER A 270 11.34 -22.52 -16.76
N SER A 271 11.10 -21.27 -17.13
CA SER A 271 12.10 -20.49 -17.87
C SER A 271 11.83 -19.01 -17.66
N GLU A 272 12.87 -18.21 -17.90
CA GLU A 272 12.75 -16.77 -17.77
C GLU A 272 11.78 -16.19 -18.79
N GLU A 273 11.81 -16.74 -20.01
CA GLU A 273 10.95 -16.22 -21.08
C GLU A 273 9.48 -16.32 -20.70
N GLU A 274 9.07 -17.46 -20.12
CA GLU A 274 7.68 -17.61 -19.70
C GLU A 274 7.27 -16.49 -18.74
N LEU A 275 8.16 -16.12 -17.82
CA LEU A 275 7.87 -15.00 -16.94
C LEU A 275 7.76 -13.70 -17.72
N GLU A 276 8.64 -13.51 -18.70
CA GLU A 276 8.59 -12.30 -19.52
C GLU A 276 7.22 -12.16 -20.17
N ARG A 277 6.79 -13.19 -20.90
CA ARG A 277 5.46 -13.15 -21.51
C ARG A 277 4.38 -12.98 -20.46
N PHE A 278 4.55 -13.60 -19.30
CA PHE A 278 3.57 -13.47 -18.22
C PHE A 278 3.35 -11.99 -17.88
N TYR A 279 4.42 -11.28 -17.55
CA TYR A 279 4.26 -9.88 -17.15
C TYR A 279 3.89 -8.99 -18.34
N PHE A 280 4.24 -9.38 -19.56
CA PHE A 280 3.68 -8.71 -20.73
C PHE A 280 2.15 -8.78 -20.69
N ARG A 281 1.61 -9.99 -20.57
CA ARG A 281 0.16 -10.16 -20.54
C ARG A 281 -0.46 -9.41 -19.37
N GLN A 282 0.18 -9.47 -18.19
CA GLN A 282 -0.29 -8.64 -17.08
C GLN A 282 -0.34 -7.17 -17.47
N GLY A 283 0.62 -6.72 -18.26
CA GLY A 283 0.58 -5.36 -18.77
C GLY A 283 -0.67 -5.10 -19.59
N GLY A 284 -0.94 -6.00 -20.55
CA GLY A 284 -2.14 -5.88 -21.35
C GLY A 284 -3.40 -5.79 -20.51
N HIS A 285 -3.63 -6.81 -19.68
CA HIS A 285 -4.75 -6.77 -18.74
C HIS A 285 -4.83 -5.42 -18.05
N LEU A 286 -3.70 -4.94 -17.52
CA LEU A 286 -3.69 -3.65 -16.83
C LEU A 286 -4.21 -2.55 -17.74
N ALA A 287 -3.84 -2.57 -19.01
CA ALA A 287 -4.34 -1.57 -19.94
C ALA A 287 -5.86 -1.66 -20.09
N ILE A 288 -6.38 -2.89 -20.17
CA ILE A 288 -7.82 -3.06 -20.32
C ILE A 288 -8.55 -2.52 -19.09
N LEU A 289 -8.05 -2.88 -17.90
CA LEU A 289 -8.65 -2.37 -16.66
C LEU A 289 -8.58 -0.84 -16.60
N TYR A 290 -7.47 -0.27 -17.08
CA TYR A 290 -7.32 1.17 -17.07
C TYR A 290 -8.33 1.84 -18.00
N GLY A 291 -8.54 1.26 -19.19
CA GLY A 291 -9.54 1.81 -20.09
C GLY A 291 -10.94 1.70 -19.52
N LEU A 292 -11.29 0.53 -18.98
CA LEU A 292 -12.64 0.30 -18.47
C LEU A 292 -12.89 0.90 -17.10
N ARG A 293 -11.90 1.60 -16.52
CA ARG A 293 -12.02 2.33 -15.27
C ARG A 293 -12.20 1.44 -14.04
N SER A 294 -12.00 0.13 -14.17
CA SER A 294 -12.13 -0.74 -13.00
C SER A 294 -11.18 -0.27 -11.91
N VAL A 295 -11.70 -0.12 -10.70
CA VAL A 295 -10.90 0.33 -9.56
C VAL A 295 -10.90 -0.75 -8.49
N ASP A 296 -9.79 -0.82 -7.75
CA ASP A 296 -9.62 -1.79 -6.68
C ASP A 296 -9.89 -3.21 -7.17
N PHE A 297 -9.10 -3.61 -8.17
CA PHE A 297 -9.17 -4.96 -8.72
C PHE A 297 -8.22 -5.84 -7.93
N HIS A 298 -8.76 -6.52 -6.92
CA HIS A 298 -7.93 -7.27 -5.99
C HIS A 298 -7.05 -8.27 -6.74
N ASN A 299 -5.86 -8.52 -6.18
CA ASN A 299 -4.96 -9.51 -6.77
C ASN A 299 -5.50 -10.92 -6.65
N GLU A 300 -6.45 -11.16 -5.74
CA GLU A 300 -7.05 -12.48 -5.60
C GLU A 300 -7.87 -12.88 -6.82
N ASN A 301 -8.12 -11.97 -7.75
CA ASN A 301 -8.90 -12.25 -8.94
C ASN A 301 -8.04 -12.76 -10.09
N ILE A 302 -6.76 -13.02 -9.86
CA ILE A 302 -5.86 -13.50 -10.89
C ILE A 302 -5.16 -14.76 -10.38
N ILE A 303 -5.11 -15.78 -11.24
CA ILE A 303 -4.35 -17.00 -10.97
C ILE A 303 -3.28 -17.13 -12.03
N ALA A 304 -2.04 -17.36 -11.61
CA ALA A 304 -0.93 -17.56 -12.53
C ALA A 304 -0.89 -19.02 -12.94
N SER A 305 -1.16 -19.28 -14.22
CA SER A 305 -1.03 -20.62 -14.79
C SER A 305 0.09 -20.55 -15.82
N GLY A 306 1.31 -20.88 -15.38
CA GLY A 306 2.46 -20.81 -16.27
C GLY A 306 2.60 -19.41 -16.84
N GLU A 307 2.70 -19.34 -18.18
CA GLU A 307 2.88 -18.06 -18.84
C GLU A 307 1.68 -17.15 -18.67
N HIS A 308 0.50 -17.69 -18.38
CA HIS A 308 -0.73 -16.94 -18.54
C HIS A 308 -1.25 -16.46 -17.20
N PRO A 309 -1.38 -15.15 -16.97
CA PRO A 309 -2.19 -14.66 -15.85
C PRO A 309 -3.65 -14.66 -16.24
N ILE A 310 -4.47 -15.41 -15.51
CA ILE A 310 -5.88 -15.60 -15.83
C ILE A 310 -6.70 -14.81 -14.84
N LEU A 311 -7.62 -13.99 -15.34
CA LEU A 311 -8.58 -13.29 -14.49
C LEU A 311 -9.79 -14.22 -14.32
N ILE A 312 -9.87 -14.87 -13.17
CA ILE A 312 -10.92 -15.85 -12.94
C ILE A 312 -12.20 -15.18 -12.44
N ASP A 313 -12.09 -14.18 -11.58
CA ASP A 313 -13.23 -13.41 -11.11
C ASP A 313 -13.12 -12.00 -11.68
N LEU A 314 -14.15 -11.57 -12.38
CA LEU A 314 -14.17 -10.23 -12.94
C LEU A 314 -15.60 -9.69 -12.91
N GLU A 315 -16.27 -9.86 -11.77
CA GLU A 315 -17.55 -9.23 -11.53
C GLU A 315 -17.41 -7.75 -11.22
N THR A 316 -16.19 -7.23 -11.12
CA THR A 316 -15.93 -5.82 -10.86
C THR A 316 -15.22 -5.17 -12.05
N LEU A 317 -15.21 -5.82 -13.20
CA LEU A 317 -14.58 -5.24 -14.39
C LEU A 317 -15.13 -3.85 -14.68
N PHE A 318 -16.43 -3.63 -14.41
CA PHE A 318 -17.04 -2.32 -14.59
C PHE A 318 -17.53 -1.76 -13.27
N ASP A 319 -16.65 -1.66 -12.27
CA ASP A 319 -17.02 -1.07 -10.99
C ASP A 319 -16.50 0.37 -10.92
N ASN A 320 -16.97 1.16 -11.88
CA ASN A 320 -16.56 2.55 -12.05
C ASN A 320 -17.79 3.43 -11.77
N HIS A 321 -18.12 3.59 -10.50
CA HIS A 321 -19.27 4.39 -10.13
C HIS A 321 -19.09 4.97 -8.75
N VAL A 322 -19.87 6.01 -8.47
CA VAL A 322 -19.83 6.72 -7.19
C VAL A 322 -21.24 7.12 -6.79
N LEU A 331 -10.41 16.26 -4.51
CA LEU A 331 -10.52 17.63 -4.99
C LEU A 331 -9.16 18.19 -5.39
N HIS A 332 -8.12 17.83 -4.65
CA HIS A 332 -6.80 18.34 -4.93
C HIS A 332 -6.24 17.75 -6.22
N VAL A 333 -5.44 18.57 -6.91
CA VAL A 333 -4.91 18.21 -8.23
C VAL A 333 -4.35 16.79 -8.20
N THR A 334 -3.40 16.56 -7.27
CA THR A 334 -2.71 15.27 -7.21
C THR A 334 -3.72 14.13 -7.07
N ALA A 335 -4.66 14.25 -6.14
CA ALA A 335 -5.69 13.23 -6.00
C ALA A 335 -6.43 13.01 -7.32
N LEU A 336 -6.70 14.08 -8.06
CA LEU A 336 -7.29 13.94 -9.38
C LEU A 336 -6.43 13.06 -10.27
N GLU A 337 -5.14 13.38 -10.37
CA GLU A 337 -4.25 12.60 -11.23
C GLU A 337 -4.20 11.13 -10.81
N LEU A 338 -4.20 10.87 -9.50
CA LEU A 338 -4.13 9.49 -9.03
C LEU A 338 -5.42 8.73 -9.37
N LYS A 339 -6.57 9.29 -9.02
CA LYS A 339 -7.84 8.69 -9.41
C LYS A 339 -7.90 8.46 -10.91
N HIS A 340 -7.24 9.31 -11.70
CA HIS A 340 -7.26 9.23 -13.15
C HIS A 340 -6.21 8.27 -13.71
N SER A 341 -5.19 7.92 -12.92
CA SER A 341 -4.05 7.18 -13.43
C SER A 341 -4.28 5.67 -13.35
N VAL A 342 -3.31 4.91 -13.89
CA VAL A 342 -3.29 3.46 -13.72
C VAL A 342 -3.17 3.06 -12.26
N LEU A 343 -2.66 3.96 -11.42
CA LEU A 343 -2.43 3.62 -10.02
C LEU A 343 -3.73 3.25 -9.31
N SER A 344 -4.86 3.82 -9.75
CA SER A 344 -6.13 3.56 -9.11
C SER A 344 -6.48 2.07 -9.15
N SER A 345 -6.30 1.45 -10.31
CA SER A 345 -6.72 0.07 -10.54
C SER A 345 -5.61 -0.90 -10.16
N LEU A 348 -0.81 -1.74 -6.70
CA LEU A 348 -0.42 -0.61 -5.86
C LEU A 348 -1.24 0.66 -6.11
N GLU A 400 0.23 -16.42 1.54
CA GLU A 400 0.49 -16.14 0.13
C GLU A 400 -0.56 -16.84 -0.75
N LYS A 401 -0.93 -16.18 -1.85
CA LYS A 401 -2.03 -16.64 -2.69
C LYS A 401 -1.53 -16.97 -4.10
N LEU A 402 -2.47 -17.17 -5.02
CA LEU A 402 -2.23 -17.91 -6.25
C LEU A 402 -1.94 -17.02 -7.46
N ASN A 403 -1.88 -15.70 -7.30
CA ASN A 403 -1.72 -14.82 -8.45
C ASN A 403 -0.27 -14.63 -8.88
N ALA A 404 0.68 -14.96 -8.02
CA ALA A 404 2.08 -14.74 -8.34
C ALA A 404 2.63 -15.90 -9.17
N PRO A 405 3.47 -15.63 -10.16
CA PRO A 405 4.14 -16.72 -10.87
C PRO A 405 5.36 -17.21 -10.10
N LYS A 406 5.89 -18.34 -10.53
CA LYS A 406 7.05 -18.93 -9.89
C LYS A 406 7.96 -19.52 -10.96
N LEU A 407 9.27 -19.44 -10.70
CA LEU A 407 10.28 -19.94 -11.62
C LEU A 407 10.90 -21.19 -11.01
N ASN A 408 10.47 -22.36 -11.46
CA ASN A 408 10.96 -23.64 -10.96
C ASN A 408 10.83 -23.69 -9.44
N GLY A 409 9.61 -23.46 -8.97
CA GLY A 409 9.31 -23.54 -7.55
C GLY A 409 9.76 -22.38 -6.72
N ARG A 410 10.51 -21.43 -7.29
CA ARG A 410 10.98 -20.29 -6.51
C ARG A 410 10.18 -19.03 -6.85
N PRO A 411 9.88 -18.19 -5.87
CA PRO A 411 9.15 -16.96 -6.16
C PRO A 411 10.03 -15.93 -6.84
N VAL A 412 9.40 -15.06 -7.61
CA VAL A 412 10.10 -13.98 -8.30
C VAL A 412 9.57 -12.65 -7.76
N SER A 413 10.37 -11.61 -7.96
CA SER A 413 9.92 -10.24 -7.75
C SER A 413 9.62 -9.62 -9.11
N ALA A 414 8.51 -8.89 -9.18
CA ALA A 414 8.04 -8.40 -10.47
C ALA A 414 8.95 -7.31 -11.05
N VAL A 415 9.77 -6.68 -10.22
CA VAL A 415 10.59 -5.56 -10.71
C VAL A 415 11.48 -5.99 -11.86
N PHE A 416 12.09 -7.17 -11.76
CA PHE A 416 13.01 -7.65 -12.79
C PHE A 416 12.34 -7.76 -14.15
N TYR A 417 11.02 -7.53 -14.21
CA TYR A 417 10.28 -7.63 -15.46
C TYR A 417 9.40 -6.41 -15.73
N THR A 418 9.61 -5.30 -15.02
CA THR A 418 8.83 -4.09 -15.30
C THR A 418 8.78 -3.79 -16.79
N ASP A 419 9.94 -3.82 -17.44
CA ASP A 419 10.03 -3.45 -18.86
C ASP A 419 8.99 -4.17 -19.69
N PHE A 420 8.64 -5.41 -19.34
CA PHE A 420 7.69 -6.16 -20.14
C PHE A 420 6.24 -5.76 -19.82
N ILE A 421 5.94 -5.54 -18.54
CA ILE A 421 4.64 -4.98 -18.17
C ILE A 421 4.36 -3.80 -19.08
N VAL A 422 5.17 -2.75 -18.93
CA VAL A 422 5.16 -1.60 -19.83
C VAL A 422 4.85 -2.07 -21.25
N GLU A 423 5.74 -2.92 -21.79
CA GLU A 423 5.58 -3.39 -23.16
C GLU A 423 4.14 -3.82 -23.40
N GLY A 424 3.69 -4.83 -22.65
CA GLY A 424 2.32 -5.30 -22.79
C GLY A 424 1.33 -4.17 -22.76
N PHE A 425 1.37 -3.35 -21.72
CA PHE A 425 0.46 -2.21 -21.62
C PHE A 425 0.46 -1.44 -22.93
N LYS A 426 1.65 -1.02 -23.37
CA LYS A 426 1.80 -0.35 -24.65
C LYS A 426 0.98 -1.07 -25.73
N ASN A 427 1.31 -2.34 -25.97
CA ASN A 427 0.72 -3.07 -27.08
C ASN A 427 -0.80 -3.14 -26.98
N ALA A 428 -1.35 -3.00 -25.76
CA ALA A 428 -2.80 -2.98 -25.60
C ALA A 428 -3.36 -1.58 -25.70
N TYR A 429 -2.65 -0.60 -25.14
CA TYR A 429 -3.14 0.78 -25.21
C TYR A 429 -3.20 1.27 -26.65
N ALA A 430 -2.19 0.91 -27.45
CA ALA A 430 -2.20 1.29 -28.86
C ALA A 430 -3.43 0.76 -29.58
N ILE A 431 -3.71 -0.54 -29.44
CA ILE A 431 -4.82 -1.15 -30.17
C ILE A 431 -6.14 -0.47 -29.83
N LYS A 434 -5.94 3.05 -31.46
CA LYS A 434 -6.11 3.00 -32.91
C LYS A 434 -7.54 2.67 -33.30
N HIS A 435 -8.21 1.83 -32.50
CA HIS A 435 -9.59 1.43 -32.77
C HIS A 435 -10.58 2.06 -31.79
N LYS A 436 -10.30 3.30 -31.35
CA LYS A 436 -11.20 4.05 -30.48
C LYS A 436 -12.65 3.93 -30.94
N GLU A 437 -12.86 3.96 -32.26
CA GLU A 437 -14.21 4.00 -32.79
CA GLU A 437 -14.22 4.00 -32.79
C GLU A 437 -14.91 2.65 -32.64
N GLU A 438 -14.23 1.57 -33.03
CA GLU A 438 -14.83 0.24 -32.90
C GLU A 438 -15.13 -0.08 -31.45
N LEU A 439 -14.19 0.21 -30.55
CA LEU A 439 -14.35 -0.14 -29.15
C LEU A 439 -15.35 0.78 -28.46
N ALA A 440 -15.04 2.07 -28.40
CA ALA A 440 -15.87 3.04 -27.70
C ALA A 440 -16.73 3.81 -28.69
N GLY A 441 -17.47 4.78 -28.16
CA GLY A 441 -18.41 5.54 -28.97
C GLY A 441 -19.66 4.75 -29.24
N PRO A 442 -20.62 5.36 -29.94
CA PRO A 442 -21.92 4.70 -30.13
C PRO A 442 -21.78 3.43 -30.94
N SER A 443 -22.58 2.43 -30.58
CA SER A 443 -22.58 1.14 -31.27
C SER A 443 -21.18 0.54 -31.31
N GLY A 444 -20.35 0.86 -30.32
CA GLY A 444 -19.04 0.27 -30.19
C GLY A 444 -19.10 -1.11 -29.59
N PHE A 445 -17.93 -1.75 -29.51
CA PHE A 445 -17.88 -3.12 -29.02
C PHE A 445 -18.34 -3.22 -27.57
N LEU A 446 -18.01 -2.22 -26.75
CA LEU A 446 -18.33 -2.29 -25.33
C LEU A 446 -19.83 -2.36 -25.07
N ASN A 447 -20.66 -1.97 -26.04
CA ASN A 447 -22.10 -2.14 -25.89
C ASN A 447 -22.48 -3.59 -25.61
N LEU A 448 -21.57 -4.52 -25.92
CA LEU A 448 -21.79 -5.92 -25.57
C LEU A 448 -22.14 -6.09 -24.10
N PHE A 449 -21.53 -5.30 -23.23
CA PHE A 449 -21.71 -5.45 -21.79
C PHE A 449 -22.97 -4.77 -21.26
N LYS A 450 -23.85 -4.29 -22.14
CA LYS A 450 -25.03 -3.53 -21.74
C LYS A 450 -25.72 -4.13 -20.50
N HIS A 451 -26.16 -5.37 -20.61
CA HIS A 451 -27.03 -5.99 -19.61
C HIS A 451 -26.27 -6.94 -18.68
N ASP A 452 -24.95 -6.78 -18.56
CA ASP A 452 -24.15 -7.67 -17.73
C ASP A 452 -24.20 -7.22 -16.28
N GLU A 453 -24.51 -8.16 -15.39
CA GLU A 453 -24.57 -7.85 -13.97
C GLU A 453 -23.16 -7.64 -13.43
N VAL A 454 -22.93 -6.47 -12.86
CA VAL A 454 -21.65 -6.12 -12.25
C VAL A 454 -21.90 -5.96 -10.75
N ARG A 455 -20.82 -5.97 -9.98
CA ARG A 455 -20.91 -5.85 -8.52
C ARG A 455 -20.36 -4.51 -8.08
N HIS A 456 -21.09 -3.85 -7.17
CA HIS A 456 -20.63 -2.64 -6.51
C HIS A 456 -20.40 -2.91 -5.03
N VAL A 457 -19.31 -2.38 -4.50
CA VAL A 457 -18.91 -2.60 -3.11
C VAL A 457 -18.97 -1.25 -2.41
N PHE A 458 -19.90 -1.12 -1.46
CA PHE A 458 -20.03 0.14 -0.72
C PHE A 458 -19.04 0.23 0.43
N ARG A 459 -18.62 -0.91 0.98
CA ARG A 459 -17.63 -0.93 2.04
C ARG A 459 -16.77 -2.18 1.87
N PRO A 460 -15.52 -2.14 2.33
CA PRO A 460 -14.65 -3.32 2.17
C PRO A 460 -15.23 -4.52 2.89
N THR A 461 -14.86 -5.71 2.41
CA THR A 461 -15.43 -6.95 2.93
C THR A 461 -15.16 -7.13 4.42
N HIS A 462 -14.04 -6.62 4.92
CA HIS A 462 -13.59 -6.97 6.25
C HIS A 462 -14.30 -6.22 7.36
N VAL A 463 -14.89 -5.05 7.09
CA VAL A 463 -15.70 -4.39 8.11
C VAL A 463 -16.96 -5.20 8.37
N TYR A 464 -17.62 -5.67 7.31
CA TYR A 464 -18.70 -6.63 7.46
C TYR A 464 -18.20 -7.85 8.21
N GLY A 465 -17.08 -8.43 7.77
CA GLY A 465 -16.55 -9.61 8.44
C GLY A 465 -16.42 -9.44 9.94
N LYS A 466 -15.86 -8.30 10.36
CA LYS A 466 -15.68 -8.06 11.79
C LYS A 466 -17.01 -7.79 12.48
N PHE A 467 -17.98 -7.19 11.79
CA PHE A 467 -19.30 -7.01 12.37
C PHE A 467 -19.96 -8.36 12.65
N LEU A 468 -19.77 -9.33 11.75
CA LEU A 468 -20.33 -10.66 11.98
C LEU A 468 -19.57 -11.39 13.09
N GLU A 469 -18.24 -11.40 13.01
CA GLU A 469 -17.42 -11.98 14.07
C GLU A 469 -17.88 -11.47 15.43
N ALA A 470 -18.01 -10.16 15.57
CA ALA A 470 -18.53 -9.60 16.81
C ALA A 470 -19.94 -10.09 17.09
N SER A 471 -20.76 -10.21 16.04
CA SER A 471 -22.13 -10.67 16.21
C SER A 471 -22.20 -12.07 16.79
N THR A 472 -21.15 -12.88 16.65
CA THR A 472 -21.17 -14.21 17.24
C THR A 472 -20.94 -14.21 18.74
N HIS A 473 -20.43 -13.12 19.30
CA HIS A 473 -20.21 -13.04 20.73
C HIS A 473 -21.53 -13.32 21.48
N PRO A 474 -21.46 -13.95 22.65
CA PRO A 474 -22.72 -14.23 23.38
C PRO A 474 -23.55 -13.00 23.66
N ASP A 475 -22.92 -11.89 24.05
CA ASP A 475 -23.66 -10.68 24.37
C ASP A 475 -24.68 -10.32 23.30
N TYR A 476 -24.34 -10.56 22.03
CA TYR A 476 -25.12 -10.07 20.91
C TYR A 476 -26.08 -11.10 20.34
N LEU A 477 -26.30 -12.23 21.02
CA LEU A 477 -27.30 -13.18 20.57
C LEU A 477 -28.03 -13.80 21.76
N THR A 478 -28.23 -13.00 22.81
CA THR A 478 -29.20 -13.36 23.86
C THR A 478 -30.62 -13.15 23.37
N ALA A 479 -30.83 -12.16 22.50
CA ALA A 479 -32.12 -11.93 21.86
C ALA A 479 -31.87 -11.08 20.62
N GLY A 480 -32.88 -11.02 19.75
CA GLY A 480 -32.73 -10.28 18.51
C GLY A 480 -32.43 -8.81 18.72
N ASP A 481 -32.86 -8.25 19.85
CA ASP A 481 -32.66 -6.83 20.10
C ASP A 481 -31.18 -6.45 20.08
N LYS A 482 -30.32 -7.30 20.66
CA LYS A 482 -28.91 -6.99 20.72
C LYS A 482 -28.23 -7.14 19.36
N ARG A 483 -28.68 -8.10 18.55
CA ARG A 483 -28.10 -8.28 17.22
C ARG A 483 -28.49 -7.13 16.30
N GLU A 484 -29.80 -6.83 16.22
CA GLU A 484 -30.24 -5.66 15.46
C GLU A 484 -29.55 -4.40 15.96
N GLN A 485 -29.39 -4.27 17.27
CA GLN A 485 -28.67 -3.12 17.82
C GLN A 485 -27.23 -3.08 17.31
N LEU A 486 -26.58 -4.24 17.23
CA LEU A 486 -25.20 -4.27 16.78
C LEU A 486 -25.09 -3.88 15.31
N PHE A 487 -25.87 -4.52 14.45
CA PHE A 487 -25.81 -4.20 13.02
C PHE A 487 -26.44 -2.86 12.71
N ASP A 488 -27.08 -2.20 13.68
CA ASP A 488 -27.65 -0.88 13.42
C ASP A 488 -26.57 0.20 13.29
N TYR A 489 -25.33 -0.10 13.71
CA TYR A 489 -24.25 0.85 13.56
C TYR A 489 -23.92 1.14 12.10
N TRP A 491 -25.88 2.49 10.10
CA TRP A 491 -26.51 3.78 9.82
C TRP A 491 -25.60 4.97 10.08
N LEU A 493 -23.25 6.16 8.42
CA LEU A 493 -22.99 6.92 7.20
C LEU A 493 -24.14 7.83 6.79
N ALA A 494 -25.33 7.67 7.39
CA ALA A 494 -26.48 8.47 6.96
C ALA A 494 -26.17 9.96 6.97
N LYS A 495 -25.35 10.40 7.92
CA LYS A 495 -24.94 11.81 7.94
C LYS A 495 -24.15 12.16 6.68
N GLN A 496 -23.30 11.24 6.21
CA GLN A 496 -22.35 11.55 5.16
C GLN A 496 -23.03 11.66 3.79
N SER A 497 -24.11 10.91 3.57
CA SER A 497 -24.73 10.88 2.25
C SER A 497 -26.22 10.59 2.38
N GLU A 498 -26.98 11.04 1.37
CA GLU A 498 -28.40 10.72 1.27
C GLU A 498 -28.66 9.53 0.37
N LYS A 499 -27.80 9.29 -0.62
CA LYS A 499 -27.89 8.06 -1.40
C LYS A 499 -27.61 6.84 -0.52
N ALA A 500 -26.75 6.99 0.48
CA ALA A 500 -26.49 5.91 1.42
C ALA A 500 -27.74 5.45 2.16
N ASN A 501 -28.83 6.21 2.12
CA ASN A 501 -30.07 5.74 2.71
C ASN A 501 -30.64 4.55 1.94
N VAL A 502 -30.35 4.47 0.64
CA VAL A 502 -30.95 3.46 -0.21
C VAL A 502 -30.53 2.06 0.22
N PHE A 503 -29.24 1.87 0.52
CA PHE A 503 -28.69 0.53 0.63
C PHE A 503 -28.42 0.08 2.06
N ILE A 504 -28.38 0.97 3.04
CA ILE A 504 -28.08 0.55 4.41
C ILE A 504 -29.08 -0.47 4.91
N PRO A 505 -30.40 -0.32 4.69
CA PRO A 505 -31.32 -1.37 5.14
C PRO A 505 -30.96 -2.75 4.60
N ASP A 506 -30.79 -2.88 3.29
CA ASP A 506 -30.43 -4.15 2.68
C ASP A 506 -29.18 -4.73 3.34
N GLU A 507 -28.07 -3.98 3.31
CA GLU A 507 -26.83 -4.48 3.88
C GLU A 507 -26.94 -4.79 5.37
N ILE A 508 -28.03 -4.36 6.03
CA ILE A 508 -28.29 -4.81 7.39
C ILE A 508 -28.95 -6.18 7.38
N VAL A 509 -30.07 -6.31 6.65
CA VAL A 509 -30.75 -7.60 6.60
C VAL A 509 -29.81 -8.68 6.06
N ASP A 510 -28.98 -8.32 5.08
CA ASP A 510 -27.92 -9.24 4.65
C ASP A 510 -27.09 -9.68 5.84
N LEU A 511 -26.53 -8.72 6.58
CA LEU A 511 -25.78 -9.05 7.79
C LEU A 511 -26.63 -9.88 8.76
N LEU A 512 -27.95 -9.66 8.77
CA LEU A 512 -28.80 -10.39 9.69
C LEU A 512 -28.85 -11.87 9.36
N LEU A 513 -28.68 -12.22 8.09
CA LEU A 513 -28.58 -13.63 7.70
C LEU A 513 -27.17 -14.18 7.90
N HIS A 514 -26.31 -13.43 8.59
CA HIS A 514 -24.89 -13.73 8.70
C HIS A 514 -24.24 -13.84 7.32
N ASP A 515 -24.73 -13.06 6.37
CA ASP A 515 -24.12 -12.92 5.07
C ASP A 515 -23.34 -11.61 5.01
N ILE A 516 -22.65 -11.42 3.89
CA ILE A 516 -21.94 -10.17 3.61
C ILE A 516 -22.73 -9.43 2.54
N PRO A 517 -23.06 -8.15 2.74
CA PRO A 517 -23.90 -7.44 1.76
C PRO A 517 -23.38 -7.58 0.34
N TYR A 518 -24.31 -7.67 -0.61
CA TYR A 518 -24.01 -7.89 -2.01
C TYR A 518 -24.92 -7.00 -2.84
N PHE A 519 -24.33 -6.21 -3.74
CA PHE A 519 -25.08 -5.29 -4.57
C PHE A 519 -24.66 -5.43 -6.03
N THR A 520 -25.63 -5.66 -6.89
CA THR A 520 -25.43 -5.77 -8.33
C THR A 520 -25.93 -4.50 -9.02
N PHE A 521 -25.40 -4.25 -10.21
CA PHE A 521 -25.85 -3.17 -11.06
C PHE A 521 -25.44 -3.49 -12.49
N TYR A 522 -26.34 -3.22 -13.44
CA TYR A 522 -26.05 -3.48 -14.84
C TYR A 522 -25.10 -2.42 -15.39
N ALA A 523 -24.20 -2.85 -16.28
CA ALA A 523 -23.14 -1.97 -16.75
C ALA A 523 -23.70 -0.80 -17.56
N GLY A 524 -24.75 -1.05 -18.35
CA GLY A 524 -25.32 -0.02 -19.20
C GLY A 524 -26.41 0.81 -18.57
N GLY A 525 -26.90 0.44 -17.38
CA GLY A 525 -27.97 1.13 -16.72
C GLY A 525 -27.50 1.94 -15.53
N ALA A 526 -28.49 2.47 -14.79
CA ALA A 526 -28.22 3.25 -13.59
C ALA A 526 -28.98 2.75 -12.38
N SER A 527 -29.74 1.66 -12.49
CA SER A 527 -30.43 1.07 -11.35
C SER A 527 -29.43 0.28 -10.50
N LEU A 528 -29.76 0.14 -9.22
CA LEU A 528 -28.92 -0.59 -8.27
C LEU A 528 -29.71 -1.76 -7.71
N LEU A 529 -29.24 -2.98 -8.00
CA LEU A 529 -29.86 -4.20 -7.50
C LEU A 529 -29.26 -4.58 -6.17
N ASN A 530 -30.10 -5.07 -5.27
CA ASN A 530 -29.65 -5.54 -3.97
C ASN A 530 -29.46 -7.06 -3.99
N SER A 531 -29.47 -7.70 -2.82
CA SER A 531 -29.21 -9.13 -2.75
C SER A 531 -30.34 -9.97 -3.31
N ARG A 532 -31.56 -9.43 -3.35
CA ARG A 532 -32.73 -10.17 -3.82
C ARG A 532 -33.16 -9.78 -5.22
N GLY A 533 -32.38 -8.95 -5.91
CA GLY A 533 -32.76 -8.49 -7.24
C GLY A 533 -33.75 -7.35 -7.25
N GLU A 534 -34.07 -6.77 -6.10
CA GLU A 534 -34.95 -5.60 -6.04
C GLU A 534 -34.14 -4.38 -6.47
N GLU A 535 -34.52 -3.78 -7.60
CA GLU A 535 -33.80 -2.64 -8.15
C GLU A 535 -34.44 -1.34 -7.68
N SER A 536 -33.61 -0.44 -7.17
CA SER A 536 -34.02 0.93 -6.89
C SER A 536 -33.48 1.81 -8.00
N GLU A 537 -34.37 2.43 -8.75
CA GLU A 537 -33.99 3.07 -10.01
C GLU A 537 -33.21 4.37 -9.76
N GLY A 538 -32.60 4.86 -10.82
CA GLY A 538 -31.92 6.15 -10.79
C GLY A 538 -30.94 6.32 -9.64
N PHE A 539 -30.13 5.29 -9.38
CA PHE A 539 -29.12 5.41 -8.34
C PHE A 539 -27.84 6.06 -8.86
N TYR A 540 -27.57 5.95 -10.16
CA TYR A 540 -26.35 6.48 -10.76
C TYR A 540 -26.69 7.53 -11.79
N GLU A 541 -25.74 8.44 -12.01
CA GLU A 541 -25.93 9.51 -12.99
C GLU A 541 -25.76 8.98 -14.41
N THR A 542 -24.60 8.41 -14.71
CA THR A 542 -24.33 7.78 -16.00
C THR A 542 -24.07 6.30 -15.79
N SER A 543 -23.94 5.57 -16.90
CA SER A 543 -23.68 4.15 -16.84
C SER A 543 -22.18 3.88 -16.88
N SER A 544 -21.80 2.70 -16.37
CA SER A 544 -20.40 2.32 -16.36
C SER A 544 -19.83 2.26 -17.77
N ILE A 545 -20.60 1.74 -18.72
CA ILE A 545 -20.12 1.66 -20.09
C ILE A 545 -19.90 3.05 -20.68
N ASP A 546 -20.75 4.01 -20.30
CA ASP A 546 -20.56 5.37 -20.80
C ASP A 546 -19.26 5.97 -20.28
N LEU A 547 -19.03 5.89 -18.97
CA LEU A 547 -17.77 6.37 -18.40
C LEU A 547 -16.58 5.70 -19.07
N ALA A 548 -16.63 4.38 -19.22
CA ALA A 548 -15.54 3.67 -19.88
C ALA A 548 -15.33 4.20 -21.29
N LYS A 549 -16.42 4.39 -22.04
CA LYS A 549 -16.31 4.93 -23.39
C LYS A 549 -15.61 6.28 -23.39
N LYS A 550 -16.07 7.21 -22.53
CA LYS A 550 -15.41 8.50 -22.41
C LYS A 550 -13.90 8.32 -22.20
N LYS A 551 -13.53 7.53 -21.19
CA LYS A 551 -12.13 7.26 -20.91
C LYS A 551 -11.39 6.84 -22.17
N ILE A 552 -11.87 5.77 -22.81
CA ILE A 552 -11.17 5.21 -23.97
C ILE A 552 -11.10 6.21 -25.11
N GLN A 553 -12.08 7.12 -25.19
CA GLN A 553 -12.03 8.18 -26.18
C GLN A 553 -10.94 9.19 -25.86
N SER A 554 -10.68 9.43 -24.58
CA SER A 554 -9.64 10.38 -24.18
C SER A 554 -8.23 9.84 -24.35
N PHE A 555 -8.05 8.65 -24.91
CA PHE A 555 -6.73 8.07 -25.07
C PHE A 555 -5.85 8.96 -25.95
N SER A 556 -4.73 9.42 -25.40
CA SER A 556 -3.78 10.26 -26.12
C SER A 556 -2.37 9.75 -25.87
N GLU A 557 -1.53 9.79 -26.91
CA GLU A 557 -0.17 9.27 -26.81
C GLU A 557 0.53 9.82 -25.57
N LYS A 558 0.37 11.12 -25.33
CA LYS A 558 0.90 11.72 -24.11
C LYS A 558 0.37 10.99 -22.88
N ASP A 559 -0.91 10.61 -22.90
CA ASP A 559 -1.48 9.89 -21.77
C ASP A 559 -0.87 8.50 -21.64
N LEU A 560 -0.71 7.79 -22.77
CA LEU A 560 -0.03 6.51 -22.75
C LEU A 560 1.31 6.63 -22.03
N ASN A 561 2.14 7.57 -22.46
CA ASN A 561 3.47 7.72 -21.87
C ASN A 561 3.37 8.09 -20.38
N HIS A 562 2.42 8.95 -20.03
CA HIS A 562 2.17 9.24 -18.62
C HIS A 562 1.94 7.94 -17.84
N GLN A 563 1.07 7.08 -18.37
CA GLN A 563 0.76 5.83 -17.70
C GLN A 563 2.00 4.97 -17.54
N LEU A 564 2.75 4.76 -18.63
CA LEU A 564 3.97 3.97 -18.53
C LEU A 564 4.90 4.51 -17.45
N ARG A 565 5.00 5.84 -17.35
CA ARG A 565 5.79 6.45 -16.29
C ARG A 565 5.26 6.04 -14.92
N TYR A 566 3.93 6.12 -14.73
CA TYR A 566 3.34 5.74 -13.46
C TYR A 566 3.61 4.26 -13.15
N ILE A 567 3.61 3.42 -14.18
CA ILE A 567 3.96 2.02 -14.00
C ILE A 567 5.37 1.90 -13.43
N SER A 568 6.34 2.53 -14.09
CA SER A 568 7.72 2.47 -13.62
C SER A 568 7.82 2.93 -12.17
N LEU A 569 7.31 4.12 -11.86
CA LEU A 569 7.48 4.68 -10.52
C LEU A 569 6.87 3.77 -9.46
N SER A 570 5.72 3.19 -9.77
CA SER A 570 5.05 2.30 -8.82
C SER A 570 5.92 1.08 -8.54
N ALA A 572 8.89 0.70 -8.65
CA ALA A 572 10.07 1.05 -7.87
C ALA A 572 9.85 0.85 -6.38
N THR A 573 8.59 0.73 -5.95
CA THR A 573 8.29 0.52 -4.54
C THR A 573 8.75 -0.84 -4.06
N LEU A 574 8.79 -1.83 -4.96
CA LEU A 574 9.09 -3.21 -4.57
C LEU A 574 10.56 -3.44 -4.29
N ILE A 575 11.43 -2.53 -4.69
CA ILE A 575 12.86 -2.66 -4.45
C ILE A 575 13.07 -2.62 -2.94
N GLU A 576 13.50 -3.74 -2.35
CA GLU A 576 13.65 -3.82 -0.90
C GLU A 576 14.80 -2.95 -0.42
N ASN A 577 15.84 -2.77 -1.24
CA ASN A 577 16.92 -1.85 -0.95
C ASN A 577 17.24 -1.07 -2.21
N VAL A 578 17.04 0.24 -2.16
CA VAL A 578 17.13 1.10 -3.35
C VAL A 578 18.52 1.72 -3.48
N TRP A 579 19.45 1.33 -2.62
CA TRP A 579 20.77 1.95 -2.59
C TRP A 579 21.83 1.17 -3.37
N ASP A 580 21.43 0.13 -4.11
CA ASP A 580 22.36 -0.57 -4.99
C ASP A 580 22.38 0.12 -6.35
N HIS A 581 22.87 1.36 -6.33
CA HIS A 581 22.96 2.16 -7.55
C HIS A 581 24.06 1.62 -8.46
N LYS A 589 32.38 8.06 -21.35
CA LYS A 589 33.05 9.00 -20.45
C LYS A 589 33.16 10.38 -21.10
N GLU A 590 32.01 10.98 -21.43
CA GLU A 590 32.01 12.32 -21.96
C GLU A 590 32.31 13.34 -20.87
N THR A 591 32.84 14.48 -21.30
CA THR A 591 33.16 15.60 -20.44
C THR A 591 32.12 16.69 -20.66
N VAL A 592 31.49 17.15 -19.59
CA VAL A 592 30.59 18.29 -19.72
C VAL A 592 31.41 19.55 -19.94
N ALA A 593 30.98 20.36 -20.90
CA ALA A 593 31.68 21.59 -21.26
C ALA A 593 30.93 22.83 -20.83
N ASP A 594 29.65 22.95 -21.19
CA ASP A 594 28.82 24.08 -20.81
C ASP A 594 27.73 23.58 -19.87
N LEU A 595 27.69 24.13 -18.66
CA LEU A 595 26.75 23.67 -17.63
C LEU A 595 25.41 24.37 -17.71
N GLY A 596 25.35 25.58 -18.27
CA GLY A 596 24.08 26.29 -18.34
C GLY A 596 23.02 25.50 -19.09
N LYS A 597 23.37 25.01 -20.28
CA LYS A 597 22.41 24.26 -21.08
C LYS A 597 22.02 22.94 -20.41
N GLU A 598 22.98 22.29 -19.74
CA GLU A 598 22.68 21.06 -19.01
C GLU A 598 21.65 21.33 -17.92
N VAL A 599 21.88 22.37 -17.11
CA VAL A 599 20.89 22.81 -16.13
C VAL A 599 19.55 23.03 -16.82
N LYS A 600 19.56 23.75 -17.93
CA LYS A 600 18.31 24.04 -18.65
C LYS A 600 17.57 22.76 -19.01
N HIS A 601 18.30 21.72 -19.38
CA HIS A 601 17.65 20.46 -19.75
C HIS A 601 17.10 19.75 -18.52
N ILE A 602 17.82 19.81 -17.40
CA ILE A 602 17.31 19.21 -16.17
C ILE A 602 16.01 19.90 -15.75
N ALA A 603 16.03 21.23 -15.67
CA ALA A 603 14.84 21.97 -15.25
C ALA A 603 13.69 21.75 -16.22
N ASP A 604 13.97 21.85 -17.53
CA ASP A 604 12.93 21.62 -18.52
C ASP A 604 12.32 20.24 -18.37
N ASP A 605 13.17 19.23 -18.14
CA ASP A 605 12.66 17.88 -17.90
C ASP A 605 11.73 17.87 -16.69
N LEU A 606 12.16 18.46 -15.58
CA LEU A 606 11.30 18.56 -14.40
C LEU A 606 9.94 19.16 -14.77
N LEU A 607 9.93 20.20 -15.61
CA LEU A 607 8.67 20.82 -15.98
C LEU A 607 7.83 19.90 -16.86
N GLN A 608 8.48 19.11 -17.72
CA GLN A 608 7.74 18.15 -18.53
C GLN A 608 6.98 17.15 -17.65
N LYS A 609 7.50 16.87 -16.45
CA LYS A 609 6.89 15.93 -15.53
C LYS A 609 5.98 16.60 -14.51
N ALA A 610 5.81 17.92 -14.58
CA ALA A 610 5.06 18.64 -13.58
C ALA A 610 3.56 18.47 -13.80
N ILE A 611 2.81 18.62 -12.71
CA ILE A 611 1.36 18.49 -12.71
C ILE A 611 0.77 19.82 -12.22
N TYR A 612 0.05 20.50 -13.10
CA TYR A 612 -0.71 21.68 -12.73
C TYR A 612 -2.19 21.33 -12.72
N SER A 613 -2.99 22.22 -12.12
CA SER A 613 -4.42 22.00 -12.03
C SER A 613 -5.13 22.68 -13.20
N GLU A 614 -6.46 22.59 -13.19
CA GLU A 614 -7.26 23.35 -14.15
C GLU A 614 -6.89 24.83 -14.10
N ARG A 615 -6.71 25.38 -12.90
CA ARG A 615 -6.33 26.77 -12.74
C ARG A 615 -4.84 27.01 -12.96
N GLY A 616 -4.06 25.97 -13.27
CA GLY A 616 -2.64 26.12 -13.46
C GLY A 616 -1.95 26.51 -12.16
N GLU A 617 -2.28 25.81 -11.08
CA GLU A 617 -1.66 26.02 -9.77
C GLU A 617 -0.71 24.88 -9.49
N GLY A 618 0.51 25.22 -9.09
CA GLY A 618 1.55 24.25 -8.90
C GLY A 618 2.90 24.84 -9.24
N PRO A 619 3.81 24.03 -9.81
CA PRO A 619 3.69 22.62 -10.22
C PRO A 619 3.61 21.62 -9.07
N PHE A 620 3.22 20.41 -9.41
CA PHE A 620 3.27 19.27 -8.51
C PHE A 620 3.95 18.12 -9.21
N TRP A 621 4.61 17.28 -8.44
CA TRP A 621 5.20 16.05 -8.96
C TRP A 621 4.68 14.87 -8.15
N ILE A 622 4.46 13.78 -8.86
CA ILE A 622 4.13 12.49 -8.26
C ILE A 622 5.26 11.55 -8.65
N SER A 623 6.09 11.19 -7.68
CA SER A 623 7.34 10.51 -7.99
C SER A 623 7.73 9.65 -6.80
N ASN A 624 8.91 9.04 -6.91
CA ASN A 624 9.44 8.21 -5.85
C ASN A 624 10.19 9.07 -4.84
N ASN A 625 10.06 8.73 -3.56
CA ASN A 625 10.65 9.52 -2.50
C ASN A 625 10.68 8.72 -1.22
N ALA A 626 11.71 8.97 -0.41
CA ALA A 626 11.83 8.42 0.92
C ALA A 626 13.05 9.01 1.62
N GLY A 627 12.83 9.68 2.75
CA GLY A 627 13.92 10.34 3.46
C GLY A 627 15.10 9.43 3.69
N ASP A 628 15.11 8.72 4.82
CA ASP A 628 16.11 7.70 5.13
C ASP A 628 15.37 6.40 5.40
N GLU A 629 14.99 5.72 4.30
CA GLU A 629 14.30 4.44 4.37
C GLU A 629 14.91 3.51 3.34
N LYS A 630 14.94 2.22 3.66
CA LYS A 630 15.50 1.24 2.74
C LYS A 630 14.75 1.19 1.42
N VAL A 632 11.49 3.16 -1.24
CA VAL A 632 10.85 4.41 -1.60
C VAL A 632 9.35 4.21 -1.65
N PHE A 633 8.62 5.32 -1.63
CA PHE A 633 7.20 5.36 -1.91
C PHE A 633 6.97 6.10 -3.21
N LEU A 634 5.79 5.91 -3.80
CA LEU A 634 5.35 6.69 -4.96
C LEU A 634 4.20 7.57 -4.49
N SER A 635 4.43 8.88 -4.47
CA SER A 635 3.42 9.79 -3.92
C SER A 635 3.69 11.19 -4.45
N PRO A 636 2.78 12.12 -4.21
CA PRO A 636 3.10 13.53 -4.44
C PRO A 636 4.27 13.95 -3.56
N LEU A 637 5.24 14.62 -4.16
CA LEU A 637 6.45 14.96 -3.45
C LEU A 637 6.12 15.66 -2.14
N PRO A 638 6.74 15.28 -1.02
CA PRO A 638 6.42 15.94 0.25
C PRO A 638 7.02 17.32 0.36
N GLY A 640 9.82 19.44 1.94
CA GLY A 640 11.10 19.11 2.51
C GLY A 640 12.26 19.34 1.57
N LEU A 641 13.43 19.66 2.14
CA LEU A 641 14.59 19.98 1.32
C LEU A 641 15.18 18.73 0.67
N TYR A 642 15.17 17.61 1.38
CA TYR A 642 15.85 16.40 0.89
C TYR A 642 15.12 15.80 -0.30
N ASP A 643 13.85 15.43 -0.11
CA ASP A 643 13.10 14.67 -1.10
C ASP A 643 12.21 15.53 -1.99
N GLY A 644 11.61 16.58 -1.45
CA GLY A 644 10.48 17.20 -2.12
C GLY A 644 10.60 18.67 -2.46
N ALA A 646 10.52 21.94 -1.00
CA ALA A 646 11.39 23.01 -0.52
C ALA A 646 12.70 23.05 -1.29
N GLY A 647 13.24 21.88 -1.64
CA GLY A 647 14.48 21.85 -2.41
C GLY A 647 14.27 22.27 -3.85
N LEU A 648 13.22 21.74 -4.49
CA LEU A 648 12.93 22.13 -5.87
C LEU A 648 12.69 23.62 -5.99
N ALA A 649 12.09 24.23 -4.97
CA ALA A 649 11.84 25.67 -5.01
C ALA A 649 13.14 26.45 -5.02
N ILE A 650 14.03 26.13 -4.07
CA ILE A 650 15.37 26.69 -4.07
C ILE A 650 15.99 26.54 -5.45
N PHE A 651 15.92 25.33 -6.02
CA PHE A 651 16.49 25.09 -7.33
C PHE A 651 15.93 26.07 -8.35
N PHE A 652 14.66 25.92 -8.72
CA PHE A 652 14.08 26.76 -9.75
C PHE A 652 14.34 28.24 -9.49
N ALA A 653 14.44 28.64 -8.21
CA ALA A 653 14.71 30.04 -7.90
C ALA A 653 16.11 30.43 -8.35
N GLN A 654 17.14 29.70 -7.91
CA GLN A 654 18.50 30.04 -8.30
C GLN A 654 18.71 29.85 -9.80
N ALA A 655 18.26 28.71 -10.34
CA ALA A 655 18.32 28.49 -11.78
C ALA A 655 17.64 29.59 -12.55
N GLY A 656 16.64 30.24 -11.95
CA GLY A 656 16.01 31.37 -12.58
C GLY A 656 16.85 32.63 -12.48
N LYS A 657 17.54 32.79 -11.34
CA LYS A 657 18.36 33.99 -11.15
C LYS A 657 19.60 33.98 -12.03
N VAL A 658 20.46 32.98 -11.85
CA VAL A 658 21.78 33.02 -12.49
C VAL A 658 21.70 32.78 -13.99
N LEU A 659 20.60 32.23 -14.49
CA LEU A 659 20.39 32.09 -15.93
C LEU A 659 19.46 33.15 -16.49
N ASN A 660 18.96 34.06 -15.65
CA ASN A 660 18.02 35.10 -16.06
C ASN A 660 16.90 34.50 -16.91
N GLU A 661 16.39 33.34 -16.46
CA GLU A 661 15.27 32.66 -17.10
C GLU A 661 14.04 32.89 -16.22
N GLN A 662 13.22 33.87 -16.60
CA GLN A 662 12.16 34.33 -15.72
C GLN A 662 11.14 33.23 -15.42
N VAL A 663 10.92 32.30 -16.36
CA VAL A 663 9.96 31.23 -16.13
C VAL A 663 10.35 30.40 -14.91
N TYR A 664 11.65 30.23 -14.66
CA TYR A 664 12.08 29.43 -13.53
C TYR A 664 11.78 30.13 -12.20
N THR A 665 12.03 31.43 -12.11
CA THR A 665 11.64 32.16 -10.92
C THR A 665 10.13 32.14 -10.74
N ASP A 666 9.40 32.29 -11.85
CA ASP A 666 7.94 32.24 -11.80
C ASP A 666 7.45 30.94 -11.19
N THR A 667 7.89 29.80 -11.75
CA THR A 667 7.48 28.52 -11.19
C THR A 667 7.91 28.39 -9.73
N ALA A 668 9.06 28.97 -9.38
CA ALA A 668 9.46 28.99 -7.98
C ALA A 668 8.40 29.68 -7.12
N ARG A 669 7.93 30.85 -7.54
CA ARG A 669 6.98 31.61 -6.74
C ARG A 669 5.62 30.92 -6.66
N SER A 670 5.15 30.37 -7.79
CA SER A 670 3.91 29.61 -7.76
C SER A 670 4.02 28.44 -6.78
N ILE A 672 5.95 28.17 -4.20
CA ILE A 672 5.84 28.73 -2.85
C ILE A 672 4.38 28.93 -2.48
N GLU A 673 3.61 29.59 -3.36
CA GLU A 673 2.20 29.82 -3.08
C GLU A 673 1.49 28.53 -2.70
N GLU A 674 1.81 27.43 -3.40
CA GLU A 674 1.15 26.16 -3.06
C GLU A 674 1.68 25.59 -1.75
N ILE A 675 2.98 25.78 -1.47
CA ILE A 675 3.57 25.24 -0.25
C ILE A 675 2.93 25.87 0.98
N GLN A 676 2.79 27.20 0.97
CA GLN A 676 2.24 27.89 2.14
C GLN A 676 0.85 27.39 2.49
N LYS A 677 0.11 26.84 1.53
CA LYS A 677 -1.21 26.29 1.84
C LYS A 677 -1.11 25.02 2.67
N GLU A 678 -0.20 24.12 2.32
CA GLU A 678 0.00 22.91 3.09
C GLU A 678 0.85 23.12 4.33
N GLU A 679 1.47 24.29 4.50
CA GLU A 679 2.30 24.56 5.66
C GLU A 679 1.51 24.31 6.95
N SER A 680 0.41 25.04 7.14
CA SER A 680 -0.38 24.94 8.35
C SER A 680 -0.68 23.49 8.72
N TYR A 681 -0.78 22.61 7.73
CA TYR A 681 -1.04 21.20 7.99
C TYR A 681 0.24 20.47 8.40
N TRP A 682 1.30 20.60 7.61
CA TRP A 682 2.51 19.82 7.82
C TRP A 682 3.21 20.11 9.13
N VAL A 683 2.56 20.87 10.01
CA VAL A 683 3.09 21.17 11.33
C VAL A 683 2.23 20.60 12.45
N GLN A 684 0.95 20.32 12.21
CA GLN A 684 0.09 19.78 13.25
C GLN A 684 0.42 18.32 13.53
N ASN A 685 0.43 17.49 12.49
CA ASN A 685 0.81 16.09 12.62
C ASN A 685 2.02 15.78 11.75
N GLY A 686 3.01 16.65 11.78
CA GLY A 686 4.26 16.41 11.09
C GLY A 686 5.30 15.81 12.02
N ASN A 687 5.18 16.11 13.32
CA ASN A 687 6.06 15.60 14.36
C ASN A 687 7.48 15.35 13.88
N SER A 688 8.12 16.40 13.35
CA SER A 688 9.50 16.32 12.91
C SER A 688 10.01 17.71 12.56
N HIS A 689 11.10 18.13 13.22
CA HIS A 689 11.63 19.48 13.06
C HIS A 689 12.94 19.51 12.28
N SER A 690 13.28 18.42 11.59
CA SER A 690 14.55 18.36 10.88
C SER A 690 14.58 19.39 9.76
N ALA A 691 15.77 19.92 9.50
CA ALA A 691 15.95 20.87 8.42
C ALA A 691 15.87 20.23 7.04
N PHE A 692 15.74 18.90 6.97
CA PHE A 692 15.72 18.18 5.70
C PHE A 692 14.39 17.51 5.40
N PHE A 693 13.69 17.02 6.42
CA PHE A 693 12.41 16.36 6.23
C PHE A 693 11.28 16.95 7.06
N GLY A 694 11.57 17.88 7.97
CA GLY A 694 10.56 18.42 8.85
C GLY A 694 10.35 19.92 8.71
N THR A 695 9.86 20.56 9.78
CA THR A 695 9.53 21.98 9.72
C THR A 695 10.78 22.83 9.53
N GLY A 696 11.94 22.34 9.98
CA GLY A 696 13.18 23.04 9.76
C GLY A 696 13.43 23.33 8.29
N SER A 697 12.91 22.49 7.40
CA SER A 697 13.01 22.77 5.97
C SER A 697 12.02 23.82 5.51
N PHE A 698 10.92 24.02 6.24
CA PHE A 698 10.08 25.19 6.01
C PHE A 698 10.82 26.46 6.40
N ILE A 699 11.36 26.50 7.62
CA ILE A 699 12.11 27.67 8.05
C ILE A 699 13.28 27.94 7.10
N TYR A 700 13.97 26.88 6.68
CA TYR A 700 15.10 27.03 5.77
C TYR A 700 14.64 27.54 4.41
N LEU A 701 13.54 26.98 3.90
CA LEU A 701 13.00 27.45 2.62
C LEU A 701 12.70 28.95 2.67
N TYR A 702 11.94 29.38 3.68
CA TYR A 702 11.52 30.78 3.75
C TYR A 702 12.69 31.71 4.05
N SER A 703 13.71 31.23 4.75
CA SER A 703 14.92 32.04 4.92
C SER A 703 15.66 32.17 3.60
N TYR A 704 15.87 31.06 2.91
CA TYR A 704 16.59 31.07 1.64
C TYR A 704 15.94 32.02 0.64
N LEU A 705 14.65 31.80 0.36
CA LEU A 705 13.99 32.62 -0.63
C LEU A 705 13.66 34.02 -0.11
N GLY A 706 13.53 34.19 1.20
CA GLY A 706 13.45 35.53 1.74
C GLY A 706 14.69 36.35 1.45
N SER A 707 15.87 35.72 1.60
CA SER A 707 17.12 36.42 1.29
C SER A 707 17.31 36.60 -0.20
N LEU A 708 17.03 35.56 -0.99
CA LEU A 708 17.38 35.56 -2.41
C LEU A 708 16.81 36.78 -3.13
N TRP A 709 15.49 36.96 -3.06
CA TRP A 709 14.84 38.09 -3.74
C TRP A 709 14.26 39.09 -2.74
N GLU A 710 14.97 39.34 -1.65
CA GLU A 710 14.70 40.45 -0.75
C GLU A 710 13.21 40.58 -0.44
N ASP A 711 12.61 39.47 -0.02
CA ASP A 711 11.21 39.42 0.35
C ASP A 711 11.13 39.32 1.87
N ASP A 712 10.59 40.36 2.51
CA ASP A 712 10.46 40.36 3.96
C ASP A 712 9.23 39.59 4.43
N SER A 713 8.25 39.36 3.57
CA SER A 713 7.11 38.52 3.94
C SER A 713 7.56 37.11 4.26
N LEU A 714 8.42 36.53 3.40
CA LEU A 714 8.90 35.18 3.62
C LEU A 714 9.75 35.09 4.88
N LEU A 715 10.58 36.09 5.13
CA LEU A 715 11.33 36.11 6.39
C LEU A 715 10.39 36.17 7.58
N GLU A 716 9.31 36.95 7.47
CA GLU A 716 8.34 37.02 8.56
C GLU A 716 7.64 35.68 8.77
N ARG A 717 7.40 34.93 7.70
CA ARG A 717 6.88 33.58 7.83
C ARG A 717 7.88 32.69 8.56
N ALA A 718 9.09 32.56 8.02
CA ALA A 718 10.15 31.81 8.66
C ALA A 718 10.18 32.10 10.16
N LEU A 719 10.12 33.39 10.52
CA LEU A 719 10.07 33.74 11.93
C LEU A 719 8.81 33.20 12.60
N ASN A 720 7.68 33.25 11.89
CA ASN A 720 6.42 32.85 12.49
C ASN A 720 6.33 31.35 12.73
N LEU A 721 7.17 30.55 12.08
CA LEU A 721 7.12 29.10 12.22
C LEU A 721 7.98 28.57 13.36
N ILE A 722 8.70 29.44 14.06
CA ILE A 722 9.68 29.05 15.08
C ILE A 722 8.98 28.52 16.34
N PRO A 723 7.97 29.24 16.88
CA PRO A 723 7.25 28.77 18.06
C PRO A 723 6.97 27.27 18.07
N ARG A 724 6.42 26.74 16.99
CA ARG A 724 6.16 25.30 16.92
C ARG A 724 7.44 24.50 17.14
N VAL A 725 8.56 25.01 16.62
CA VAL A 725 9.82 24.28 16.77
C VAL A 725 10.24 24.25 18.22
N LEU A 726 10.02 25.33 18.97
CA LEU A 726 10.61 25.41 20.31
C LEU A 726 10.17 24.24 21.19
N ASP A 727 8.87 24.01 21.32
CA ASP A 727 8.35 23.17 22.40
C ASP A 727 7.48 22.00 21.96
N GLN A 728 7.15 21.86 20.67
CA GLN A 728 6.18 20.83 20.31
C GLN A 728 6.71 19.43 20.56
N PRO A 729 7.95 19.09 20.16
CA PRO A 729 8.52 17.80 20.59
C PRO A 729 9.53 17.99 21.70
N ASN A 730 9.29 17.38 22.85
CA ASN A 730 10.15 17.56 24.02
C ASN A 730 10.98 16.29 24.22
N GLN A 731 12.30 16.45 24.23
CA GLN A 731 13.22 15.34 24.50
C GLN A 731 12.94 14.16 23.58
N THR A 732 12.46 14.44 22.37
CA THR A 732 12.30 13.41 21.35
C THR A 732 13.25 13.72 20.21
N GLN A 733 14.54 13.80 20.52
CA GLN A 733 15.53 14.35 19.61
C GLN A 733 16.67 13.37 19.40
N ASN A 734 16.98 13.11 18.14
CA ASN A 734 18.22 12.48 17.74
C ASN A 734 19.12 13.61 17.24
N PRO A 735 20.11 14.05 18.01
CA PRO A 735 20.89 15.23 17.60
C PRO A 735 21.61 14.94 16.30
N ASP A 736 21.26 15.67 15.25
CA ASP A 736 21.74 15.32 13.94
C ASP A 736 21.62 16.53 13.02
N PHE A 737 22.50 16.58 12.03
CA PHE A 737 22.36 17.57 10.98
C PHE A 737 21.21 17.23 10.04
N ILE A 738 20.95 15.94 9.84
CA ILE A 738 19.97 15.50 8.86
C ILE A 738 18.57 15.43 9.46
N ALA A 739 18.42 14.91 10.68
CA ALA A 739 17.12 14.62 11.25
C ALA A 739 16.89 15.28 12.60
N GLY A 740 17.85 16.02 13.13
CA GLY A 740 17.77 16.51 14.49
C GLY A 740 18.05 18.00 14.59
N ASP A 741 18.52 18.40 15.77
CA ASP A 741 18.57 19.80 16.15
C ASP A 741 19.88 20.49 15.78
N SER A 742 20.89 19.75 15.33
CA SER A 742 22.08 20.41 14.81
C SER A 742 21.76 21.15 13.52
N GLY A 743 21.16 20.46 12.55
CA GLY A 743 20.75 21.11 11.32
C GLY A 743 19.77 22.24 11.56
N LEU A 744 18.69 21.94 12.31
CA LEU A 744 17.77 22.98 12.73
C LEU A 744 18.51 24.19 13.31
N LEU A 745 19.51 23.93 14.16
CA LEU A 745 20.25 25.01 14.78
C LEU A 745 20.99 25.84 13.74
N THR A 746 21.63 25.19 12.76
CA THR A 746 22.31 25.95 11.71
C THR A 746 21.33 26.77 10.90
N VAL A 747 20.13 26.23 10.66
CA VAL A 747 19.08 27.00 9.99
C VAL A 747 18.76 28.25 10.80
N LEU A 748 18.56 28.09 12.11
CA LEU A 748 18.20 29.23 12.94
C LEU A 748 19.29 30.29 12.94
N VAL A 749 20.54 29.89 13.18
CA VAL A 749 21.61 30.88 13.24
C VAL A 749 21.83 31.53 11.88
N ASN A 750 21.63 30.78 10.80
CA ASN A 750 21.70 31.40 9.47
C ASN A 750 20.56 32.38 9.26
N LEU A 751 19.44 32.17 9.94
CA LEU A 751 18.37 33.17 9.93
C LEU A 751 18.79 34.40 10.72
N TYR A 752 19.45 34.20 11.87
CA TYR A 752 19.82 35.32 12.72
C TYR A 752 20.79 36.27 12.04
N GLU A 753 21.63 35.76 11.13
CA GLU A 753 22.57 36.61 10.43
C GLU A 753 21.89 37.51 9.40
N ILE A 754 20.66 37.20 9.02
CA ILE A 754 19.93 38.03 8.06
C ILE A 754 18.75 38.75 8.69
N LYS A 755 18.28 38.33 9.87
CA LYS A 755 17.16 38.98 10.55
C LYS A 755 17.48 38.97 12.04
N GLN A 756 18.21 39.99 12.49
CA GLN A 756 18.63 40.10 13.88
C GLN A 756 17.43 40.33 14.80
N HIS A 757 16.60 39.31 14.97
CA HIS A 757 15.39 39.41 15.78
C HIS A 757 15.55 38.66 17.10
N PRO A 758 15.14 39.23 18.22
CA PRO A 758 15.36 38.54 19.51
C PRO A 758 14.70 37.17 19.59
N ALA A 759 13.54 36.99 18.94
CA ALA A 759 12.87 35.70 18.98
C ALA A 759 13.79 34.59 18.45
N VAL A 760 14.38 34.79 17.27
CA VAL A 760 15.23 33.76 16.70
C VAL A 760 16.47 33.57 17.54
N LEU A 761 16.92 34.64 18.22
CA LEU A 761 18.06 34.50 19.12
C LEU A 761 17.72 33.58 20.27
N ASP A 762 16.53 33.74 20.85
CA ASP A 762 16.08 32.80 21.88
C ASP A 762 15.88 31.40 21.31
N SER A 763 15.60 31.30 20.01
CA SER A 763 15.56 29.99 19.37
C SER A 763 16.94 29.34 19.37
N ILE A 764 17.97 30.08 18.95
CA ILE A 764 19.33 29.59 18.99
C ILE A 764 19.70 29.19 20.42
N ARG A 765 19.33 30.01 21.40
CA ARG A 765 19.70 29.73 22.78
C ARG A 765 19.03 28.45 23.28
N GLN A 766 17.71 28.36 23.15
CA GLN A 766 16.98 27.20 23.65
C GLN A 766 17.44 25.93 22.94
N VAL A 767 17.46 25.95 21.60
CA VAL A 767 17.84 24.77 20.84
C VAL A 767 19.27 24.35 21.17
N LEU A 768 20.18 25.32 21.30
CA LEU A 768 21.55 25.00 21.64
C LEU A 768 21.62 24.35 23.02
N SER A 769 20.95 24.93 24.01
CA SER A 769 21.01 24.38 25.35
C SER A 769 20.50 22.94 25.38
N ARG A 770 19.29 22.71 24.85
CA ARG A 770 18.73 21.37 24.88
C ARG A 770 19.58 20.41 24.05
N LEU A 771 20.26 20.91 23.00
CA LEU A 771 21.21 20.08 22.28
C LEU A 771 22.37 19.68 23.18
N ASN A 772 22.95 20.64 23.89
CA ASN A 772 24.01 20.33 24.84
C ASN A 772 23.57 19.24 25.81
N ASP A 773 22.35 19.33 26.32
CA ASP A 773 21.87 18.31 27.24
C ASP A 773 21.78 16.95 26.57
N ARG A 774 21.06 16.87 25.45
CA ARG A 774 20.96 15.61 24.71
C ARG A 774 22.34 14.99 24.48
N ILE A 775 23.23 15.77 23.87
CA ILE A 775 24.64 15.42 23.73
C ILE A 775 25.10 14.76 25.02
N GLY A 776 25.19 15.54 26.10
CA GLY A 776 25.65 15.05 27.38
C GLY A 776 25.11 13.67 27.71
N ARG A 777 23.80 13.47 27.51
CA ARG A 777 23.21 12.16 27.71
C ARG A 777 23.96 11.10 26.93
N LEU A 778 24.12 11.31 25.62
CA LEU A 778 24.70 10.25 24.79
C LEU A 778 26.22 10.15 24.89
N LEU A 779 26.89 11.21 25.34
CA LEU A 779 28.31 11.08 25.68
C LEU A 779 28.50 10.30 26.97
N ASP A 780 27.56 10.41 27.91
CA ASP A 780 27.53 9.47 29.02
C ASP A 780 27.12 8.08 28.55
N SER A 781 26.46 7.98 27.39
CA SER A 781 26.22 6.69 26.77
C SER A 781 27.44 6.15 26.03
N ILE A 782 28.46 6.99 25.77
CA ILE A 782 29.70 6.47 25.18
C ILE A 782 30.34 5.46 26.11
N GLU A 783 30.12 5.58 27.42
CA GLU A 783 30.71 4.63 28.37
C GLU A 783 29.84 3.39 28.51
N GLN A 784 28.61 3.56 28.97
CA GLN A 784 27.74 2.41 29.27
C GLN A 784 27.35 1.67 28.00
N ASP A 785 26.64 2.35 27.10
CA ASP A 785 26.09 1.74 25.89
C ASP A 785 26.73 2.40 24.67
N ALA A 786 28.01 2.09 24.45
CA ALA A 786 28.74 2.69 23.34
C ALA A 786 28.14 2.27 22.00
N VAL A 787 28.29 3.15 21.00
CA VAL A 787 27.80 2.89 19.66
C VAL A 787 28.52 3.83 18.69
N SER A 788 28.33 3.62 17.39
CA SER A 788 29.04 4.36 16.36
C SER A 788 28.20 5.53 15.84
N LEU A 789 28.88 6.62 15.49
CA LEU A 789 28.21 7.82 14.97
C LEU A 789 29.28 8.65 14.25
N THR A 790 29.44 8.41 12.94
CA THR A 790 30.42 9.11 12.13
C THR A 790 29.76 9.70 10.90
N GLY A 791 30.29 10.84 10.45
CA GLY A 791 29.80 11.50 9.26
C GLY A 791 29.30 12.89 9.53
N PHE A 792 29.39 13.78 8.53
CA PHE A 792 28.88 15.14 8.70
C PHE A 792 27.38 15.12 8.99
N SER A 793 26.62 14.44 8.15
CA SER A 793 25.16 14.40 8.31
C SER A 793 24.76 13.64 9.57
N HIS A 794 24.93 12.32 9.56
CA HIS A 794 24.44 11.48 10.65
C HIS A 794 25.38 11.43 11.85
N GLY A 795 26.59 11.98 11.75
CA GLY A 795 27.63 11.77 12.73
C GLY A 795 28.01 13.01 13.51
N LEU A 796 29.17 12.92 14.17
CA LEU A 796 29.58 13.94 15.13
C LEU A 796 30.17 15.19 14.49
N THR A 797 30.65 15.11 13.24
CA THR A 797 31.23 16.31 12.64
C THR A 797 30.17 17.39 12.42
N GLY A 798 28.97 17.00 11.99
CA GLY A 798 27.91 17.97 11.81
C GLY A 798 27.43 18.54 13.12
N ILE A 799 27.23 17.69 14.11
CA ILE A 799 26.91 18.16 15.47
C ILE A 799 27.93 19.21 15.89
N ALA A 800 29.21 18.81 15.91
CA ALA A 800 30.29 19.73 16.26
C ALA A 800 30.22 21.01 15.43
N PHE A 801 29.81 20.90 14.17
CA PHE A 801 29.73 22.06 13.29
C PHE A 801 28.67 23.04 13.77
N SER A 802 27.47 22.55 14.09
CA SER A 802 26.43 23.42 14.62
C SER A 802 26.81 23.98 15.98
N ILE A 803 27.47 23.18 16.82
CA ILE A 803 27.93 23.67 18.11
C ILE A 803 28.85 24.87 17.92
N ALA A 804 29.89 24.70 17.10
CA ALA A 804 30.80 25.81 16.83
C ALA A 804 30.05 27.03 16.28
N LYS A 805 29.21 26.79 15.28
CA LYS A 805 28.51 27.90 14.62
C LYS A 805 27.68 28.70 15.62
N ALA A 806 26.81 28.01 16.38
CA ALA A 806 26.00 28.69 17.38
C ALA A 806 26.89 29.40 18.41
N ALA A 807 27.90 28.69 18.92
CA ALA A 807 28.79 29.27 19.92
C ALA A 807 29.34 30.62 19.46
N LYS A 808 29.84 30.67 18.22
CA LYS A 808 30.36 31.93 17.69
C LYS A 808 29.37 33.07 17.89
N VAL A 809 28.08 32.77 17.94
CA VAL A 809 27.06 33.81 18.02
C VAL A 809 26.73 34.25 19.45
N ILE A 810 26.95 33.39 20.46
CA ILE A 810 26.61 33.80 21.82
C ILE A 810 27.84 33.84 22.73
N HIS A 811 28.50 32.71 23.00
CA HIS A 811 29.71 32.77 23.82
C HIS A 811 30.71 31.71 23.38
N ASP A 812 31.85 31.65 24.09
CA ASP A 812 32.99 30.80 23.74
C ASP A 812 33.35 29.84 24.88
N ASP A 813 32.34 29.31 25.57
CA ASP A 813 32.55 28.26 26.57
C ASP A 813 32.06 26.90 26.11
N SER A 814 31.79 26.74 24.81
CA SER A 814 31.31 25.47 24.26
C SER A 814 32.37 24.76 23.43
N CYS A 815 33.58 25.31 23.32
CA CYS A 815 34.59 24.80 22.41
C CYS A 815 35.31 23.56 22.94
N LYS A 816 35.07 23.16 24.19
CA LYS A 816 35.56 21.88 24.66
C LYS A 816 34.78 20.73 24.03
N GLU A 817 33.48 20.96 23.82
CA GLU A 817 32.63 19.94 23.22
C GLU A 817 33.15 19.53 21.86
N LEU A 818 33.49 20.49 21.01
CA LEU A 818 34.04 20.16 19.72
C LEU A 818 35.16 19.14 19.89
N VAL A 819 36.24 19.53 20.54
CA VAL A 819 37.42 18.68 20.59
C VAL A 819 37.08 17.32 21.17
N LEU A 820 36.24 17.30 22.22
CA LEU A 820 35.78 16.02 22.75
C LEU A 820 35.16 15.16 21.66
N LYS A 821 34.18 15.72 20.94
CA LYS A 821 33.50 15.01 19.86
C LYS A 821 34.49 14.58 18.79
N LEU A 822 35.39 15.47 18.41
CA LEU A 822 36.38 15.17 17.39
C LEU A 822 37.17 13.93 17.78
N VAL A 823 37.84 13.97 18.94
CA VAL A 823 38.59 12.79 19.40
C VAL A 823 37.70 11.56 19.35
N GLU A 824 36.52 11.65 19.97
CA GLU A 824 35.61 10.50 20.01
C GLU A 824 35.23 10.02 18.61
N GLU A 825 35.43 10.87 17.59
CA GLU A 825 35.18 10.47 16.20
C GLU A 825 36.44 9.95 15.53
N GLU A 826 37.62 10.44 15.94
CA GLU A 826 38.88 9.88 15.48
C GLU A 826 39.08 8.47 15.99
N ASP A 827 38.39 8.10 17.07
CA ASP A 827 38.46 6.72 17.56
C ASP A 827 38.33 5.72 16.41
N ARG A 828 37.57 6.09 15.37
CA ARG A 828 37.37 5.22 14.22
C ARG A 828 38.14 5.69 12.99
N TYR A 829 39.01 6.69 13.14
CA TYR A 829 39.88 7.12 12.07
C TYR A 829 40.97 6.07 11.84
N PHE A 830 41.00 5.50 10.64
CA PHE A 830 41.94 4.43 10.29
C PHE A 830 42.93 4.99 9.26
N GLN A 831 44.02 5.57 9.77
CA GLN A 831 45.10 5.99 8.87
C GLN A 831 45.63 4.81 8.06
N LYS A 832 45.68 3.63 8.69
CA LYS A 832 46.09 2.41 8.01
C LYS A 832 45.43 2.30 6.64
N ASP A 833 46.20 1.84 5.66
CA ASP A 833 45.78 1.80 4.26
C ASP A 833 45.48 3.24 3.85
N HIS A 834 44.26 3.57 3.44
CA HIS A 834 43.90 4.96 3.16
C HIS A 834 43.29 5.59 4.41
N LEU A 835 43.59 6.87 4.61
CA LEU A 835 43.30 7.57 5.85
C LEU A 835 41.86 8.06 5.78
N ASN A 836 40.94 7.32 6.40
CA ASN A 836 39.53 7.64 6.30
C ASN A 836 38.80 7.06 7.51
N TRP A 837 37.62 7.60 7.77
CA TRP A 837 36.79 7.16 8.88
C TRP A 837 35.90 6.00 8.45
N LEU A 838 35.76 5.03 9.35
CA LEU A 838 34.98 3.83 9.10
C LEU A 838 34.15 3.53 10.33
N ASP A 839 32.91 3.06 10.13
CA ASP A 839 31.92 3.07 11.19
C ASP A 839 30.99 1.87 11.04
N LEU A 840 30.05 1.75 11.97
CA LEU A 840 29.09 0.64 11.94
C LEU A 840 28.18 0.73 10.71
N ARG A 841 27.76 1.95 10.36
CA ARG A 841 27.13 2.24 9.07
C ARG A 841 25.94 1.33 8.75
N ASN A 842 25.02 1.20 9.70
CA ASN A 842 23.83 0.39 9.44
C ASN A 842 23.00 1.03 8.35
N ASP A 843 22.82 0.32 7.23
CA ASP A 843 22.08 0.82 6.08
C ASP A 843 22.55 2.21 5.69
N SER A 844 23.69 2.28 5.01
CA SER A 844 24.23 3.54 4.53
C SER A 844 23.92 3.72 3.06
N HIS A 845 23.76 4.98 2.65
CA HIS A 845 23.51 5.27 1.25
C HIS A 845 24.58 4.69 0.35
N THR A 846 25.78 4.45 0.89
CA THR A 846 26.89 3.93 0.11
C THR A 846 27.69 2.97 0.98
N LEU A 847 28.66 2.31 0.35
CA LEU A 847 29.50 1.35 1.05
C LEU A 847 30.77 2.00 1.55
N SER A 848 31.46 2.76 0.70
CA SER A 848 32.72 3.36 1.09
C SER A 848 32.52 4.78 1.59
N PRO A 849 33.33 5.21 2.54
CA PRO A 849 33.26 6.61 2.98
C PRO A 849 33.94 7.56 2.01
N SER A 850 33.22 8.01 0.98
CA SER A 850 33.79 8.89 -0.04
C SER A 850 32.80 9.97 -0.46
N TYR A 851 31.86 10.34 0.41
CA TYR A 851 30.80 11.26 0.02
C TYR A 851 30.38 12.11 1.20
N TRP A 852 29.61 13.17 0.88
CA TRP A 852 29.04 14.03 1.91
C TRP A 852 28.20 13.22 2.89
N CYS A 853 27.32 12.36 2.37
CA CYS A 853 26.47 11.54 3.21
C CYS A 853 27.27 10.89 4.33
N HIS A 854 28.23 10.03 3.95
CA HIS A 854 29.06 9.30 4.90
CA HIS A 854 29.08 9.39 4.94
C HIS A 854 30.49 9.29 4.38
N GLY A 855 31.46 9.60 5.24
CA GLY A 855 32.85 9.51 4.87
C GLY A 855 33.63 10.81 4.91
N ALA A 856 34.76 10.82 4.20
CA ALA A 856 35.72 11.93 4.35
C ALA A 856 35.16 13.25 3.86
N PRO A 857 34.53 13.35 2.68
CA PRO A 857 34.08 14.68 2.20
C PRO A 857 33.27 15.46 3.22
N GLY A 858 32.24 14.85 3.81
CA GLY A 858 31.47 15.53 4.84
C GLY A 858 32.34 16.04 5.96
N ILE A 859 33.29 15.23 6.40
CA ILE A 859 34.14 15.61 7.54
C ILE A 859 35.06 16.77 7.16
N LEU A 860 35.63 16.73 5.95
CA LEU A 860 36.39 17.88 5.45
C LEU A 860 35.55 19.15 5.49
N LEU A 861 34.33 19.08 4.99
CA LEU A 861 33.44 20.23 5.02
C LEU A 861 33.25 20.74 6.45
N GLY A 862 32.66 19.91 7.31
CA GLY A 862 32.30 20.36 8.64
C GLY A 862 33.49 20.84 9.44
N ARG A 863 34.64 20.18 9.28
CA ARG A 863 35.79 20.51 10.11
C ARG A 863 36.58 21.70 9.58
N ALA A 864 36.64 21.87 8.26
CA ALA A 864 37.17 23.13 7.72
C ALA A 864 36.33 24.30 8.21
N HIS A 865 35.01 24.15 8.21
CA HIS A 865 34.17 25.21 8.77
C HIS A 865 34.42 25.40 10.25
N ILE A 866 34.55 24.30 11.00
CA ILE A 866 34.86 24.39 12.44
C ILE A 866 36.11 25.23 12.64
N GLN A 867 37.18 24.93 11.90
CA GLN A 867 38.39 25.73 12.01
C GLN A 867 38.13 27.18 11.66
N ALA A 868 37.27 27.43 10.67
CA ALA A 868 36.90 28.80 10.35
C ALA A 868 36.30 29.50 11.57
N PHE A 869 35.49 28.77 12.35
CA PHE A 869 34.89 29.35 13.54
C PHE A 869 35.89 29.39 14.70
N ILE A 870 36.69 28.33 14.84
CA ILE A 870 37.68 28.24 15.91
C ILE A 870 39.06 28.04 15.29
N PRO A 871 39.75 29.10 14.89
CA PRO A 871 41.06 28.92 14.24
C PRO A 871 42.12 28.35 15.17
N GLU A 872 41.95 28.45 16.49
CA GLU A 872 42.95 27.88 17.39
C GLU A 872 43.08 26.37 17.21
N LEU A 873 42.04 25.71 16.69
CA LEU A 873 42.16 24.31 16.33
C LEU A 873 43.05 24.16 15.11
N THR A 874 43.95 23.19 15.15
CA THR A 874 45.02 23.07 14.17
C THR A 874 44.63 22.10 13.06
N THR A 875 45.20 22.36 11.88
CA THR A 875 45.00 21.46 10.74
C THR A 875 45.40 20.03 11.07
N ARG A 876 46.33 19.85 12.02
CA ARG A 876 46.81 18.52 12.37
C ARG A 876 45.87 17.82 13.35
N THR A 877 45.26 18.58 14.27
CA THR A 877 44.24 18.01 15.14
C THR A 877 42.98 17.70 14.35
N LEU A 878 42.59 18.59 13.44
CA LEU A 878 41.37 18.43 12.67
C LEU A 878 41.49 17.42 11.53
N LYS A 879 42.72 17.03 11.17
CA LYS A 879 42.94 16.03 10.14
C LYS A 879 42.42 16.49 8.78
N LEU A 880 42.45 17.80 8.53
CA LEU A 880 42.09 18.31 7.21
C LEU A 880 43.08 17.78 6.16
N GLN A 881 44.36 18.10 6.34
CA GLN A 881 45.38 17.56 5.47
C GLN A 881 45.60 16.07 5.75
N GLU A 882 45.90 15.74 7.01
CA GLU A 882 46.32 14.41 7.41
C GLU A 882 45.50 13.33 6.71
N ALA A 883 44.18 13.51 6.65
CA ALA A 883 43.30 12.49 6.08
C ALA A 883 42.41 13.08 5.00
N LEU A 884 41.42 13.85 5.44
CA LEU A 884 40.26 14.21 4.64
C LEU A 884 40.62 14.62 3.23
N GLN A 885 41.11 15.85 3.06
CA GLN A 885 41.29 16.40 1.73
C GLN A 885 42.05 15.43 0.82
N SER A 886 42.86 14.54 1.40
CA SER A 886 43.58 13.56 0.60
C SER A 886 42.67 12.38 0.24
N SER A 887 42.08 11.74 1.27
CA SER A 887 41.26 10.56 1.04
C SER A 887 40.19 10.80 -0.02
N LEU A 888 39.63 11.99 -0.05
CA LEU A 888 38.44 12.29 -0.84
C LEU A 888 38.76 12.94 -2.19
N ASN A 889 40.02 13.26 -2.46
CA ASN A 889 40.37 13.89 -3.73
C ASN A 889 40.49 12.88 -4.87
N LEU A 890 40.36 11.58 -4.59
CA LEU A 890 40.34 10.57 -5.64
C LEU A 890 38.88 10.36 -6.06
N ALA A 891 38.38 11.32 -6.85
CA ALA A 891 36.98 11.33 -7.25
C ALA A 891 36.69 10.21 -8.24
N ASP A 892 36.43 9.00 -7.73
CA ASP A 892 36.03 7.88 -8.55
C ASP A 892 34.62 7.44 -8.18
N CYS A 893 33.69 8.39 -8.12
CA CYS A 893 32.33 8.11 -7.71
C CYS A 893 31.60 7.29 -8.79
N GLN A 894 30.40 6.84 -8.43
CA GLN A 894 29.57 6.05 -9.33
C GLN A 894 28.29 6.77 -9.76
N ASN A 895 27.92 7.86 -9.10
CA ASN A 895 26.75 8.65 -9.48
C ASN A 895 27.06 10.13 -9.28
N HIS A 896 26.07 10.97 -9.54
CA HIS A 896 26.25 12.42 -9.56
C HIS A 896 25.56 13.13 -8.41
N SER A 897 24.87 12.42 -7.52
CA SER A 897 24.08 13.07 -6.49
C SER A 897 24.94 13.95 -5.59
N LEU A 898 24.29 14.62 -4.63
CA LEU A 898 25.00 15.43 -3.64
C LEU A 898 25.25 14.64 -2.38
N CYS A 899 24.21 14.03 -1.81
CA CYS A 899 24.36 13.22 -0.61
C CYS A 899 25.46 12.19 -0.77
N HIS A 900 25.37 11.37 -1.82
CA HIS A 900 26.34 10.30 -2.08
C HIS A 900 26.64 10.26 -3.58
N GLY A 901 27.41 11.23 -4.05
CA GLY A 901 27.70 11.30 -5.47
C GLY A 901 28.72 12.37 -5.80
N LEU A 902 29.01 12.47 -7.09
CA LEU A 902 30.10 13.31 -7.58
C LEU A 902 29.84 14.79 -7.27
N ILE A 903 28.78 15.35 -7.86
CA ILE A 903 28.56 16.79 -7.82
C ILE A 903 28.62 17.31 -6.39
N GLY A 904 28.14 16.52 -5.43
CA GLY A 904 28.25 16.92 -4.04
C GLY A 904 29.69 17.06 -3.60
N ASN A 905 30.52 16.06 -3.93
CA ASN A 905 31.92 16.10 -3.52
C ASN A 905 32.66 17.24 -4.21
N LEU A 906 32.36 17.50 -5.48
CA LEU A 906 32.94 18.66 -6.15
C LEU A 906 32.52 19.95 -5.45
N ASN A 907 31.26 20.04 -5.02
CA ASN A 907 30.82 21.23 -4.30
C ASN A 907 31.57 21.39 -2.99
N ILE A 908 31.79 20.29 -2.26
CA ILE A 908 32.62 20.34 -1.07
C ILE A 908 34.00 20.90 -1.41
N LEU A 909 34.66 20.32 -2.42
CA LEU A 909 35.97 20.80 -2.80
C LEU A 909 35.96 22.28 -3.15
N LEU A 910 34.85 22.76 -3.70
CA LEU A 910 34.72 24.20 -3.95
C LEU A 910 34.69 24.97 -2.63
N ASP A 911 33.88 24.51 -1.68
CA ASP A 911 33.82 25.16 -0.38
C ASP A 911 35.20 25.23 0.26
N ILE A 912 35.94 24.12 0.24
CA ILE A 912 37.26 24.10 0.87
C ILE A 912 38.22 24.99 0.11
N LYS A 913 38.23 24.87 -1.22
CA LYS A 913 38.95 25.79 -2.10
C LYS A 913 38.84 27.21 -1.58
N ARG A 914 37.65 27.78 -1.67
CA ARG A 914 37.50 29.21 -1.42
C ARG A 914 37.51 29.57 0.06
N LEU A 915 37.27 28.59 0.95
CA LEU A 915 37.25 28.86 2.38
C LEU A 915 38.66 29.04 2.90
N ASN A 916 39.36 27.93 3.13
CA ASN A 916 40.69 27.94 3.72
C ASN A 916 41.74 28.10 2.63
N ARG A 917 42.81 28.81 2.96
CA ARG A 917 43.79 29.22 1.97
C ARG A 917 44.90 28.20 1.75
N GLU A 918 45.28 27.45 2.78
CA GLU A 918 46.41 26.53 2.70
C GLU A 918 46.00 25.13 2.24
N LEU A 919 44.87 24.99 1.55
CA LEU A 919 44.43 23.71 1.03
C LEU A 919 44.36 23.82 -0.49
N HIS A 920 45.23 23.07 -1.16
CA HIS A 920 45.31 23.10 -2.61
C HIS A 920 44.30 22.12 -3.19
N VAL A 921 43.49 22.59 -4.12
CA VAL A 921 42.59 21.73 -4.87
C VAL A 921 42.92 21.98 -6.34
N PRO A 922 43.48 21.00 -7.04
CA PRO A 922 43.88 21.26 -8.44
C PRO A 922 42.72 21.83 -9.25
N ASP A 923 42.89 23.03 -9.80
CA ASP A 923 41.86 23.64 -10.64
C ASP A 923 41.29 22.66 -11.66
N ASP A 924 42.04 21.61 -11.99
CA ASP A 924 41.63 20.63 -12.99
C ASP A 924 40.70 19.55 -12.46
N ILE A 925 40.46 19.50 -11.14
CA ILE A 925 39.57 18.48 -10.60
C ILE A 925 38.12 18.73 -10.99
N PHE A 926 37.78 19.97 -11.33
CA PHE A 926 36.38 20.34 -11.55
C PHE A 926 35.89 20.02 -12.96
N CYS A 927 36.69 19.35 -13.77
CA CYS A 927 36.18 18.82 -15.03
C CYS A 927 35.15 17.73 -14.73
N ILE A 928 33.99 17.82 -15.35
CA ILE A 928 32.92 16.86 -15.13
C ILE A 928 32.99 15.80 -16.22
N TYR A 929 32.59 14.58 -15.86
CA TYR A 929 32.63 13.45 -16.78
C TYR A 929 31.36 12.63 -16.61
N LYS A 930 30.67 12.35 -17.71
CA LYS A 930 29.47 11.53 -17.71
C LYS A 930 29.54 10.46 -18.79
N THR A 931 28.82 9.37 -18.57
CA THR A 931 28.68 8.35 -19.59
C THR A 931 27.98 8.93 -20.81
N LYS A 932 28.66 8.86 -21.96
CA LYS A 932 28.21 9.53 -23.18
C LYS A 932 26.75 9.23 -23.48
N ASN A 933 26.45 7.96 -23.73
CA ASN A 933 25.12 7.59 -24.23
C ASN A 933 24.04 7.90 -23.21
N ARG A 934 24.29 7.64 -21.93
CA ARG A 934 23.29 7.82 -20.90
C ARG A 934 23.28 9.25 -20.37
N GLY A 935 22.30 9.54 -19.54
CA GLY A 935 22.20 10.82 -18.86
C GLY A 935 22.90 10.81 -17.53
N TRP A 936 22.34 11.56 -16.57
CA TRP A 936 22.90 11.58 -15.23
C TRP A 936 22.50 10.33 -14.46
N LYS A 937 23.27 10.00 -13.44
CA LYS A 937 22.98 8.92 -12.52
C LYS A 937 22.64 9.53 -11.16
N THR A 938 21.40 9.34 -10.71
CA THR A 938 20.96 9.93 -9.46
C THR A 938 21.40 9.08 -8.28
N GLY A 939 21.15 9.60 -7.08
CA GLY A 939 21.67 8.97 -5.87
C GLY A 939 21.19 7.55 -5.66
N LEU A 940 19.99 7.23 -6.13
CA LEU A 940 19.38 5.94 -5.87
C LEU A 940 19.40 5.07 -7.12
N HIS A 941 18.89 3.85 -6.96
CA HIS A 941 18.77 2.89 -8.05
C HIS A 941 18.25 3.58 -9.31
N SER A 942 18.83 3.21 -10.46
CA SER A 942 18.44 3.83 -11.72
C SER A 942 16.98 3.58 -12.06
N ASP A 943 16.45 2.42 -11.67
CA ASP A 943 15.03 2.14 -11.88
C ASP A 943 14.13 2.97 -10.95
N VAL A 944 14.70 3.75 -10.04
CA VAL A 944 13.96 4.70 -9.22
C VAL A 944 14.09 6.07 -9.86
N GLU A 945 12.99 6.82 -9.85
CA GLU A 945 13.02 8.21 -10.30
C GLU A 945 13.20 9.11 -9.08
N SER A 946 14.16 10.02 -9.11
CA SER A 946 14.38 10.94 -7.99
C SER A 946 14.58 12.33 -8.60
N LEU A 947 13.72 13.30 -8.34
CA LEU A 947 13.88 14.64 -8.94
C LEU A 947 14.20 15.68 -7.88
N GLY A 948 14.38 15.32 -6.62
CA GLY A 948 14.64 16.25 -5.50
C GLY A 948 16.01 16.89 -5.46
N PHE A 950 18.67 16.68 -2.70
CA PHE A 950 19.82 15.95 -2.17
C PHE A 950 20.14 14.69 -2.93
N VAL A 951 19.18 14.02 -3.54
CA VAL A 951 19.61 12.81 -4.27
C VAL A 951 18.97 12.78 -5.63
N GLY A 952 18.48 13.90 -6.24
CA GLY A 952 17.73 14.03 -7.46
C GLY A 952 18.45 14.89 -8.50
N THR A 953 17.81 14.98 -9.66
CA THR A 953 18.36 15.78 -10.76
C THR A 953 18.49 17.24 -10.36
N ALA A 954 17.52 17.74 -9.57
CA ALA A 954 17.51 19.16 -9.22
C ALA A 954 18.75 19.56 -8.45
N GLY A 955 19.21 18.70 -7.54
CA GLY A 955 20.42 19.00 -6.80
C GLY A 955 21.67 18.95 -7.66
N ILE A 956 21.69 18.04 -8.63
CA ILE A 956 22.76 18.05 -9.63
C ILE A 956 22.83 19.40 -10.31
N ALA A 957 21.70 19.83 -10.89
CA ALA A 957 21.65 21.14 -11.54
C ALA A 957 22.04 22.25 -10.57
N TYR A 958 21.72 22.09 -9.28
CA TYR A 958 22.08 23.10 -8.30
C TYR A 958 23.59 23.17 -8.09
N GLY A 959 24.25 22.01 -8.04
CA GLY A 959 25.70 22.00 -7.93
C GLY A 959 26.36 22.61 -9.15
N LEU A 960 25.86 22.29 -10.34
CA LEU A 960 26.33 22.97 -11.54
C LEU A 960 26.17 24.48 -11.41
N LEU A 961 25.00 24.93 -10.98
CA LEU A 961 24.78 26.34 -10.68
C LEU A 961 25.87 26.88 -9.77
N ARG A 962 26.22 26.13 -8.73
CA ARG A 962 27.30 26.54 -7.84
C ARG A 962 28.59 26.74 -8.60
N LEU A 963 28.94 25.79 -9.47
CA LEU A 963 30.19 25.90 -10.23
C LEU A 963 30.16 27.09 -11.17
N LEU A 964 28.99 27.51 -11.63
CA LEU A 964 28.93 28.66 -12.53
C LEU A 964 28.89 29.99 -11.80
N ASP A 965 28.09 30.10 -10.74
CA ASP A 965 27.94 31.35 -10.01
C ASP A 965 28.38 31.14 -8.57
N GLU A 966 29.17 32.08 -8.05
CA GLU A 966 29.69 31.99 -6.70
C GLU A 966 28.64 32.37 -5.65
N SER A 967 27.69 33.21 -6.03
CA SER A 967 26.77 33.82 -5.08
C SER A 967 25.62 32.91 -4.67
N VAL A 968 25.62 31.65 -5.12
CA VAL A 968 24.58 30.71 -4.70
C VAL A 968 25.11 29.98 -3.48
N PRO A 969 24.37 29.93 -2.37
CA PRO A 969 24.89 29.28 -1.16
C PRO A 969 25.06 27.78 -1.35
N SER A 970 25.66 27.17 -0.33
CA SER A 970 25.82 25.72 -0.28
C SER A 970 24.66 25.13 0.50
N VAL A 971 23.99 24.14 -0.10
CA VAL A 971 22.91 23.44 0.59
C VAL A 971 23.44 22.31 1.48
N LEU A 972 24.76 22.10 1.49
CA LEU A 972 25.36 21.03 2.29
C LEU A 972 25.67 21.47 3.71
N THR A 973 25.85 22.76 3.95
CA THR A 973 25.89 23.32 5.30
C THR A 973 24.65 24.16 5.59
N LEU A 974 23.59 23.99 4.79
CA LEU A 974 22.34 24.72 4.97
C LEU A 974 22.59 26.23 5.03
N ASP A 975 23.28 26.72 4.02
CA ASP A 975 23.63 28.14 3.95
C ASP A 975 22.54 28.92 3.23
N ILE A 976 22.60 30.24 3.38
CA ILE A 976 21.55 31.14 2.91
C ILE A 976 22.20 32.26 2.10
N PRO A 977 21.55 32.76 1.04
CA PRO A 977 22.14 33.88 0.28
C PRO A 977 22.47 35.04 1.20
N THR A 978 23.59 35.71 0.88
CA THR A 978 24.14 36.72 1.77
C THR A 978 23.27 37.97 1.80
N GLY A 979 22.96 38.53 0.65
CA GLY A 979 22.17 39.76 0.59
C GLY A 979 22.91 40.93 1.21
#